data_8OL4
#
_entry.id   8OL4
#
_cell.length_a   84.219
_cell.length_b   160.345
_cell.length_c   52.075
_cell.angle_alpha   90.00
_cell.angle_beta   90.00
_cell.angle_gamma   90.00
#
_symmetry.space_group_name_H-M   'P 21 21 2'
#
loop_
_entity.id
_entity.type
_entity.pdbx_description
1 polymer 'Cell wall surface anchor family protein'
2 non-polymer 'IODIDE ION'
3 non-polymer 'TETRAETHYLENE GLYCOL'
4 non-polymer DI(HYDROXYETHYL)ETHER
5 non-polymer 2-acetamido-2-deoxy-beta-D-glucopyranose
6 non-polymer 'SULFATE ION'
7 non-polymer 2-[3-(2-HYDROXY-1,1-DIHYDROXYMETHYL-ETHYLAMINO)-PROPYLAMINO]-2-HYDROXYMETHYL-PROPANE-1,3-DIOL
8 water water
#
_entity_poly.entity_id   1
_entity_poly.type   'polypeptide(L)'
_entity_poly.pdbx_seq_one_letter_code
;MDIGINSDPHHHHHHGGLDIVNNATGDDNRDDLNIRTYGATETSSLIMLRARGTASAPAAVQTGDRLGGVLFRGWNGTAW
MGSGQILSVAEENFTTAVKTNLQFHVGGAGEAMRISNTGNVGIGTTTTTEKLNVQGNVAVSGEITSVRSWGIKRGPTSFS
ANYINVWNSGYHVGSSIDCTTSTTGCRILKAGTYEIRCVQRAGTSGNSVYVGIALNGDRTALESRNDVLWNHSHTAYSGS
YTESNFMGTLSANDLITCGAPVNTMAADLVYAVPAYNGTMQIKRVD
;
_entity_poly.pdbx_strand_id   A,B,C
#
loop_
_chem_comp.id
_chem_comp.type
_chem_comp.name
_chem_comp.formula
B3P non-polymer 2-[3-(2-HYDROXY-1,1-DIHYDROXYMETHYL-ETHYLAMINO)-PROPYLAMINO]-2-HYDROXYMETHYL-PROPANE-1,3-DIOL 'C11 H26 N2 O6'
IOD non-polymer 'IODIDE ION' 'I -1'
NAG D-saccharide, beta linking 2-acetamido-2-deoxy-beta-D-glucopyranose 'C8 H15 N O6'
PEG non-polymer DI(HYDROXYETHYL)ETHER 'C4 H10 O3'
PG4 non-polymer 'TETRAETHYLENE GLYCOL' 'C8 H18 O5'
SO4 non-polymer 'SULFATE ION' 'O4 S -2'
#
# COMPACT_ATOMS: atom_id res chain seq x y z
N ASP A 31 -35.88 30.64 -6.44
CA ASP A 31 -36.22 29.20 -6.37
C ASP A 31 -35.18 28.39 -7.14
N ASP A 32 -35.40 27.10 -7.31
CA ASP A 32 -34.48 26.20 -8.02
C ASP A 32 -34.47 26.54 -9.50
N LEU A 33 -33.43 26.17 -10.22
CA LEU A 33 -33.35 26.35 -11.69
C LEU A 33 -33.47 24.94 -12.29
N ASN A 34 -34.54 24.63 -13.03
CA ASN A 34 -34.79 23.30 -13.58
C ASN A 34 -34.50 23.33 -15.08
N ILE A 35 -33.66 22.40 -15.53
CA ILE A 35 -33.47 22.11 -16.94
C ILE A 35 -34.07 20.74 -17.19
N ARG A 36 -34.97 20.64 -18.16
CA ARG A 36 -35.66 19.39 -18.44
C ARG A 36 -35.63 19.11 -19.94
N THR A 37 -35.29 17.89 -20.32
CA THR A 37 -35.24 17.52 -21.73
C THR A 37 -35.86 16.15 -21.93
N TYR A 38 -36.72 16.05 -22.97
CA TYR A 38 -37.30 14.81 -23.44
C TYR A 38 -36.71 14.48 -24.82
N GLY A 39 -36.33 13.23 -25.02
CA GLY A 39 -35.78 12.81 -26.29
C GLY A 39 -34.79 11.70 -26.12
N ALA A 40 -34.41 11.11 -27.26
CA ALA A 40 -33.43 10.03 -27.27
C ALA A 40 -32.01 10.49 -27.57
N THR A 41 -31.83 11.71 -28.10
CA THR A 41 -30.52 12.18 -28.51
C THR A 41 -29.94 13.24 -27.59
N GLU A 42 -30.72 14.26 -27.23
CA GLU A 42 -30.19 15.38 -26.47
C GLU A 42 -30.39 15.18 -24.97
N THR A 43 -29.74 16.05 -24.18
CA THR A 43 -29.84 15.94 -22.70
C THR A 43 -29.91 17.34 -22.08
N SER A 44 -30.21 17.42 -20.78
CA SER A 44 -30.28 18.72 -20.07
C SER A 44 -28.86 19.10 -19.66
N SER A 45 -28.41 20.30 -20.00
CA SER A 45 -26.99 20.60 -19.68
C SER A 45 -26.72 22.05 -19.34
N LEU A 46 -26.03 22.30 -18.24
CA LEU A 46 -25.51 23.63 -17.97
C LEU A 46 -24.17 23.74 -18.67
N ILE A 47 -24.04 24.72 -19.54
CA ILE A 47 -22.86 24.87 -20.37
C ILE A 47 -22.25 26.22 -20.08
N MET A 48 -20.99 26.22 -19.65
CA MET A 48 -20.25 27.45 -19.40
C MET A 48 -19.16 27.58 -20.46
N LEU A 49 -19.18 28.68 -21.18
CA LEU A 49 -18.28 28.91 -22.31
C LEU A 49 -17.38 30.10 -22.01
N ARG A 50 -16.11 29.99 -22.38
CA ARG A 50 -15.13 31.03 -22.10
C ARG A 50 -14.31 31.31 -23.35
N ALA A 51 -14.19 32.58 -23.70
CA ALA A 51 -13.26 33.02 -24.74
C ALA A 51 -12.62 34.31 -24.27
N ARG A 52 -11.47 34.64 -24.87
CA ARG A 52 -10.90 35.97 -24.76
C ARG A 52 -11.47 36.85 -25.87
N GLY A 53 -11.06 38.12 -25.91
CA GLY A 53 -11.58 39.02 -26.94
C GLY A 53 -13.04 39.35 -26.70
N THR A 54 -13.81 39.45 -27.79
CA THR A 54 -15.22 39.80 -27.76
C THR A 54 -16.02 38.86 -28.64
N ALA A 55 -17.35 38.93 -28.51
CA ALA A 55 -18.20 38.16 -29.41
C ALA A 55 -17.94 38.52 -30.87
N SER A 56 -17.60 39.79 -31.14
CA SER A 56 -17.26 40.23 -32.50
C SER A 56 -15.89 39.75 -32.94
N ALA A 57 -14.98 39.48 -32.01
CA ALA A 57 -13.62 39.04 -32.35
C ALA A 57 -13.12 38.15 -31.23
N PRO A 58 -13.54 36.89 -31.23
CA PRO A 58 -13.14 36.00 -30.14
C PRO A 58 -11.67 35.62 -30.25
N ALA A 59 -11.05 35.37 -29.11
CA ALA A 59 -9.65 34.99 -29.04
C ALA A 59 -9.52 33.76 -28.16
N ALA A 60 -8.45 33.01 -28.38
CA ALA A 60 -8.27 31.73 -27.74
C ALA A 60 -8.03 31.88 -26.24
N VAL A 61 -8.54 30.90 -25.49
CA VAL A 61 -8.28 30.84 -24.07
C VAL A 61 -6.78 30.67 -23.81
N GLN A 62 -6.32 31.21 -22.68
CA GLN A 62 -4.91 31.17 -22.29
C GLN A 62 -4.73 30.41 -20.98
N THR A 63 -3.52 29.87 -20.80
CA THR A 63 -3.19 29.13 -19.59
C THR A 63 -3.51 29.96 -18.35
N GLY A 64 -4.12 29.31 -17.35
CA GLY A 64 -4.57 30.00 -16.16
C GLY A 64 -5.97 30.58 -16.24
N ASP A 65 -6.54 30.70 -17.43
CA ASP A 65 -7.90 31.23 -17.58
C ASP A 65 -8.93 30.28 -16.98
N ARG A 66 -9.85 30.80 -16.18
CA ARG A 66 -10.96 29.96 -15.64
C ARG A 66 -12.02 29.79 -16.72
N LEU A 67 -12.28 28.58 -17.17
CA LEU A 67 -13.37 28.32 -18.12
C LEU A 67 -14.72 28.58 -17.50
N GLY A 68 -14.90 28.20 -16.24
CA GLY A 68 -16.16 28.42 -15.57
C GLY A 68 -16.07 27.81 -14.18
N GLY A 69 -17.12 28.00 -13.40
CA GLY A 69 -17.16 27.43 -12.06
C GLY A 69 -18.57 27.26 -11.56
N VAL A 70 -18.76 26.28 -10.70
CA VAL A 70 -19.94 26.15 -9.87
C VAL A 70 -19.52 26.61 -8.48
N LEU A 71 -20.05 27.73 -8.03
CA LEU A 71 -19.60 28.38 -6.80
C LEU A 71 -20.71 28.36 -5.76
N PHE A 72 -20.35 28.04 -4.53
CA PHE A 72 -21.27 28.09 -3.40
C PHE A 72 -20.82 29.20 -2.46
N ARG A 73 -21.80 29.94 -1.96
CA ARG A 73 -21.54 31.05 -1.05
C ARG A 73 -22.57 31.05 0.08
N GLY A 74 -22.12 31.41 1.28
CA GLY A 74 -22.99 31.41 2.45
C GLY A 74 -22.84 32.65 3.32
N TRP A 75 -23.94 33.12 3.88
CA TRP A 75 -23.91 34.28 4.75
C TRP A 75 -23.29 33.92 6.10
N ASN A 76 -22.31 34.70 6.54
CA ASN A 76 -21.65 34.48 7.82
C ASN A 76 -22.04 35.51 8.87
N GLY A 77 -23.06 36.32 8.61
CA GLY A 77 -23.38 37.40 9.51
C GLY A 77 -23.12 38.76 8.89
N THR A 78 -22.02 38.88 8.13
CA THR A 78 -21.65 40.15 7.51
C THR A 78 -21.32 40.07 6.02
N ALA A 79 -21.09 38.88 5.46
CA ALA A 79 -20.67 38.78 4.06
C ALA A 79 -21.07 37.43 3.49
N TRP A 80 -21.20 37.38 2.15
CA TRP A 80 -21.33 36.12 1.42
C TRP A 80 -19.95 35.52 1.26
N MET A 81 -19.68 34.43 1.97
CA MET A 81 -18.35 33.85 2.04
C MET A 81 -18.26 32.64 1.12
N GLY A 82 -17.08 32.48 0.50
CA GLY A 82 -16.79 31.30 -0.31
C GLY A 82 -16.99 30.04 0.48
N SER A 83 -17.84 29.14 -0.03
CA SER A 83 -18.29 27.97 0.71
C SER A 83 -18.11 26.71 -0.13
N GLY A 84 -17.03 26.63 -0.89
CA GLY A 84 -16.80 25.52 -1.79
C GLY A 84 -17.05 25.91 -3.23
N GLN A 85 -16.36 25.21 -4.16
CA GLN A 85 -16.55 25.52 -5.58
C GLN A 85 -15.91 24.43 -6.41
N ILE A 86 -16.43 24.29 -7.63
CA ILE A 86 -15.88 23.36 -8.61
C ILE A 86 -15.50 24.17 -9.83
N LEU A 87 -14.22 24.19 -10.15
CA LEU A 87 -13.68 25.07 -11.18
C LEU A 87 -13.08 24.23 -12.30
N SER A 88 -13.17 24.75 -13.51
CA SER A 88 -12.40 24.24 -14.63
C SER A 88 -11.45 25.34 -15.07
N VAL A 89 -10.16 25.03 -15.17
CA VAL A 89 -9.12 26.03 -15.40
C VAL A 89 -8.16 25.54 -16.48
N ALA A 90 -7.80 26.43 -17.40
CA ALA A 90 -6.89 26.04 -18.47
C ALA A 90 -5.47 25.90 -17.93
N GLU A 91 -4.78 24.84 -18.39
CA GLU A 91 -3.40 24.49 -18.04
C GLU A 91 -2.43 24.70 -19.20
N GLU A 92 -2.89 25.29 -20.30
CA GLU A 92 -2.12 25.43 -21.51
C GLU A 92 -2.83 26.44 -22.38
N ASN A 93 -2.08 27.17 -23.19
CA ASN A 93 -2.69 28.06 -24.16
C ASN A 93 -3.40 27.22 -25.21
N PHE A 94 -4.68 27.49 -25.42
CA PHE A 94 -5.51 26.65 -26.28
C PHE A 94 -5.07 26.67 -27.73
N THR A 95 -4.39 27.70 -28.20
CA THR A 95 -3.86 27.60 -29.55
C THR A 95 -2.74 26.57 -29.63
N THR A 96 -2.12 26.21 -28.51
CA THR A 96 -1.15 25.13 -28.49
C THR A 96 -1.82 23.77 -28.30
N ALA A 97 -2.71 23.66 -27.32
CA ALA A 97 -3.40 22.41 -27.03
C ALA A 97 -4.46 22.70 -25.98
N VAL A 98 -5.57 21.96 -26.05
CA VAL A 98 -6.65 22.13 -25.07
C VAL A 98 -6.35 21.23 -23.88
N LYS A 99 -5.93 21.84 -22.77
CA LYS A 99 -5.59 21.12 -21.54
C LYS A 99 -6.19 21.86 -20.35
N THR A 100 -6.99 21.18 -19.56
CA THR A 100 -7.61 21.83 -18.42
C THR A 100 -7.44 20.94 -17.19
N ASN A 101 -7.66 21.56 -16.04
CA ASN A 101 -7.78 20.82 -14.80
C ASN A 101 -9.12 21.14 -14.19
N LEU A 102 -9.60 20.21 -13.37
CA LEU A 102 -10.78 20.40 -12.54
C LEU A 102 -10.34 20.51 -11.10
N GLN A 103 -10.89 21.47 -10.39
CA GLN A 103 -10.50 21.77 -9.02
C GLN A 103 -11.72 21.71 -8.13
N PHE A 104 -11.60 20.99 -7.02
CA PHE A 104 -12.63 20.86 -6.01
C PHE A 104 -12.11 21.54 -4.76
N HIS A 105 -12.80 22.64 -4.40
CA HIS A 105 -12.52 23.47 -3.23
C HIS A 105 -13.64 23.32 -2.20
N VAL A 106 -13.25 23.31 -0.93
CA VAL A 106 -14.20 23.32 0.18
C VAL A 106 -13.97 24.58 0.99
N GLY A 107 -15.02 25.03 1.67
CA GLY A 107 -14.84 26.08 2.66
C GLY A 107 -13.92 25.56 3.75
N GLY A 108 -12.89 26.34 4.09
CA GLY A 108 -11.88 25.90 5.03
C GLY A 108 -10.54 25.70 4.37
N ALA A 109 -10.27 24.48 3.90
CA ALA A 109 -8.96 24.19 3.32
C ALA A 109 -8.76 24.84 1.95
N GLY A 110 -9.82 25.27 1.29
CA GLY A 110 -9.69 25.74 -0.08
C GLY A 110 -9.58 24.55 -1.01
N GLU A 111 -8.61 24.58 -1.95
CA GLU A 111 -8.54 23.50 -2.93
C GLU A 111 -8.16 22.19 -2.26
N ALA A 112 -9.02 21.19 -2.40
CA ALA A 112 -8.78 19.88 -1.79
C ALA A 112 -8.45 18.81 -2.80
N MET A 113 -9.00 18.88 -4.02
N MET A 113 -8.95 18.90 -4.03
CA MET A 113 -8.76 17.83 -5.00
CA MET A 113 -8.68 17.86 -5.01
C MET A 113 -8.55 18.47 -6.36
C MET A 113 -8.50 18.46 -6.40
N ARG A 114 -7.56 17.96 -7.10
N ARG A 114 -7.49 17.99 -7.13
CA ARG A 114 -7.26 18.44 -8.44
CA ARG A 114 -7.15 18.47 -8.46
C ARG A 114 -7.22 17.26 -9.40
C ARG A 114 -7.16 17.29 -9.42
N ILE A 115 -7.80 17.45 -10.57
CA ILE A 115 -7.70 16.49 -11.67
C ILE A 115 -7.00 17.24 -12.80
N SER A 116 -5.77 16.87 -13.11
CA SER A 116 -5.02 17.55 -14.15
C SER A 116 -5.40 17.05 -15.55
N ASN A 117 -4.91 17.76 -16.57
CA ASN A 117 -5.26 17.43 -17.94
C ASN A 117 -4.82 16.02 -18.32
N THR A 118 -3.84 15.47 -17.60
CA THR A 118 -3.38 14.10 -17.81
C THR A 118 -4.35 13.08 -17.22
N GLY A 119 -5.36 13.51 -16.47
CA GLY A 119 -6.19 12.61 -15.72
C GLY A 119 -5.65 12.29 -14.34
N ASN A 120 -4.41 12.69 -14.04
CA ASN A 120 -3.83 12.44 -12.73
C ASN A 120 -4.54 13.24 -11.65
N VAL A 121 -4.77 12.60 -10.50
CA VAL A 121 -5.56 13.15 -9.41
C VAL A 121 -4.64 13.45 -8.23
N GLY A 122 -4.79 14.63 -7.66
CA GLY A 122 -4.06 15.00 -6.46
C GLY A 122 -5.03 15.34 -5.35
N ILE A 123 -4.81 14.76 -4.18
CA ILE A 123 -5.60 15.07 -3.00
C ILE A 123 -4.66 15.74 -2.01
N GLY A 124 -4.84 17.05 -1.84
CA GLY A 124 -3.97 17.84 -1.01
C GLY A 124 -2.69 18.27 -1.68
N THR A 125 -2.50 17.96 -2.96
CA THR A 125 -1.38 18.45 -3.74
C THR A 125 -1.83 18.76 -5.15
N THR A 126 -1.22 19.78 -5.75
CA THR A 126 -1.41 20.08 -7.15
C THR A 126 -0.31 19.48 -8.01
N THR A 127 0.66 18.81 -7.41
CA THR A 127 1.74 18.20 -8.17
C THR A 127 1.32 16.76 -8.42
N THR A 128 0.64 16.55 -9.54
CA THR A 128 -0.03 15.28 -9.82
C THR A 128 0.86 14.37 -10.66
N THR A 129 1.94 13.90 -10.05
N THR A 129 1.97 13.90 -10.07
CA THR A 129 2.97 13.15 -10.79
CA THR A 129 2.94 13.15 -10.85
C THR A 129 2.46 11.78 -11.21
C THR A 129 2.41 11.78 -11.25
N GLU A 130 1.76 11.08 -10.33
CA GLU A 130 1.22 9.76 -10.63
C GLU A 130 -0.28 9.85 -10.82
N LYS A 131 -0.88 8.73 -11.23
CA LYS A 131 -2.33 8.71 -11.46
C LYS A 131 -3.09 9.14 -10.22
N LEU A 132 -2.60 8.79 -9.03
CA LEU A 132 -3.19 9.28 -7.80
C LEU A 132 -2.07 9.67 -6.84
N ASN A 133 -2.19 10.87 -6.28
CA ASN A 133 -1.19 11.41 -5.37
C ASN A 133 -1.92 11.91 -4.14
N VAL A 134 -1.45 11.51 -2.96
CA VAL A 134 -2.10 11.89 -1.71
C VAL A 134 -1.07 12.53 -0.80
N GLN A 135 -1.32 13.78 -0.43
CA GLN A 135 -0.45 14.51 0.49
C GLN A 135 -0.98 14.29 1.92
N GLY A 136 -0.62 13.15 2.48
CA GLY A 136 -1.08 12.75 3.81
C GLY A 136 -1.09 11.24 3.91
N ASN A 137 -1.83 10.74 4.91
CA ASN A 137 -1.97 9.30 5.09
C ASN A 137 -3.20 8.78 4.36
N VAL A 138 -3.20 7.46 4.13
CA VAL A 138 -4.34 6.74 3.54
C VAL A 138 -4.77 5.64 4.50
N ALA A 139 -6.07 5.55 4.76
CA ALA A 139 -6.63 4.52 5.62
C ALA A 139 -7.62 3.70 4.80
N VAL A 140 -7.38 2.39 4.72
CA VAL A 140 -8.18 1.47 3.94
C VAL A 140 -8.71 0.40 4.88
N SER A 141 -10.04 0.15 4.85
CA SER A 141 -10.58 -0.84 5.78
C SER A 141 -10.31 -2.25 5.27
N GLY A 142 -10.28 -2.43 3.97
CA GLY A 142 -10.00 -3.71 3.32
C GLY A 142 -8.54 -3.84 2.95
N GLU A 143 -8.30 -4.51 1.83
CA GLU A 143 -6.95 -4.87 1.41
C GLU A 143 -6.60 -4.14 0.11
N ILE A 144 -5.30 -3.93 -0.07
CA ILE A 144 -4.78 -3.24 -1.24
C ILE A 144 -4.01 -4.26 -2.08
N THR A 145 -4.37 -4.35 -3.35
CA THR A 145 -3.60 -5.12 -4.32
C THR A 145 -2.90 -4.16 -5.28
N SER A 146 -1.67 -4.48 -5.64
CA SER A 146 -0.84 -3.64 -6.50
C SER A 146 0.33 -4.48 -6.98
N VAL A 147 1.14 -3.91 -7.85
CA VAL A 147 2.41 -4.52 -8.24
C VAL A 147 3.46 -4.12 -7.22
N ARG A 148 4.21 -5.14 -6.79
N ARG A 148 4.18 -5.09 -6.67
CA ARG A 148 5.29 -4.95 -5.80
CA ARG A 148 5.26 -4.77 -5.75
C ARG A 148 6.65 -5.22 -6.45
C ARG A 148 6.60 -5.12 -6.39
N SER A 149 7.56 -4.21 -6.27
CA SER A 149 8.90 -4.42 -6.80
C SER A 149 9.67 -5.36 -5.89
N TRP A 150 10.20 -6.44 -6.47
CA TRP A 150 11.07 -7.36 -5.75
C TRP A 150 11.94 -8.06 -6.78
N GLY A 151 13.06 -8.59 -6.31
CA GLY A 151 13.98 -9.27 -7.20
C GLY A 151 14.84 -10.26 -6.46
N ILE A 152 15.40 -11.19 -7.23
CA ILE A 152 16.24 -12.25 -6.63
C ILE A 152 17.42 -12.63 -7.51
N LYS A 153 18.45 -13.20 -6.89
CA LYS A 153 19.61 -13.76 -7.65
C LYS A 153 19.72 -15.22 -7.20
N ARG A 154 19.95 -16.14 -8.12
CA ARG A 154 20.07 -17.58 -7.81
CA ARG A 154 20.10 -17.55 -7.68
C ARG A 154 21.22 -18.36 -8.35
N GLY A 155 21.82 -19.24 -7.55
CA GLY A 155 22.93 -20.06 -8.09
C GLY A 155 24.26 -19.34 -8.09
N PRO A 156 24.98 -19.22 -6.95
CA PRO A 156 26.31 -18.64 -6.95
C PRO A 156 27.20 -19.59 -7.77
N THR A 157 27.75 -19.12 -8.90
CA THR A 157 28.51 -20.01 -9.80
C THR A 157 30.02 -19.76 -9.68
N SER A 158 30.43 -18.54 -9.33
CA SER A 158 31.85 -18.27 -9.16
C SER A 158 32.03 -16.97 -8.38
N PHE A 159 33.29 -16.71 -8.05
CA PHE A 159 33.69 -15.56 -7.22
C PHE A 159 34.30 -14.52 -8.15
N SER A 160 33.65 -13.35 -8.24
CA SER A 160 34.17 -12.32 -9.14
C SER A 160 35.13 -11.38 -8.42
N ALA A 161 34.82 -11.01 -7.18
CA ALA A 161 35.68 -10.15 -6.35
C ALA A 161 35.14 -10.22 -4.94
N ASN A 162 35.86 -9.58 -4.01
CA ASN A 162 35.39 -9.56 -2.61
C ASN A 162 33.94 -9.09 -2.54
N TYR A 163 33.09 -9.87 -1.86
CA TYR A 163 31.66 -9.58 -1.68
C TYR A 163 30.90 -9.50 -3.01
N ILE A 164 31.39 -10.15 -4.05
CA ILE A 164 30.69 -10.20 -5.34
C ILE A 164 30.73 -11.60 -5.90
N ASN A 165 29.68 -12.38 -5.67
CA ASN A 165 29.50 -13.62 -6.41
C ASN A 165 28.98 -13.31 -7.82
N VAL A 166 29.30 -14.20 -8.76
CA VAL A 166 28.55 -14.30 -10.02
C VAL A 166 27.39 -15.24 -9.78
N TRP A 167 26.20 -14.84 -10.26
CA TRP A 167 24.96 -15.59 -10.06
C TRP A 167 24.46 -16.18 -11.37
N ASN A 168 23.97 -17.41 -11.32
CA ASN A 168 23.55 -18.07 -12.55
C ASN A 168 22.36 -17.36 -13.18
N SER A 169 21.41 -16.90 -12.38
CA SER A 169 20.26 -16.23 -12.96
C SER A 169 19.68 -15.26 -11.95
N GLY A 170 18.81 -14.38 -12.44
CA GLY A 170 18.05 -13.48 -11.59
C GLY A 170 16.61 -13.39 -12.07
N TYR A 171 15.80 -12.68 -11.29
CA TYR A 171 14.42 -12.44 -11.67
C TYR A 171 13.93 -11.21 -10.92
N HIS A 172 12.97 -10.49 -11.51
CA HIS A 172 12.39 -9.37 -10.77
C HIS A 172 11.00 -9.06 -11.30
N VAL A 173 10.24 -8.34 -10.48
CA VAL A 173 8.93 -7.81 -10.84
C VAL A 173 8.92 -6.35 -10.43
N GLY A 174 8.28 -5.51 -11.25
CA GLY A 174 8.17 -4.10 -10.97
C GLY A 174 9.27 -3.29 -11.63
N SER A 175 9.39 -2.07 -11.15
CA SER A 175 10.22 -1.09 -11.82
C SER A 175 11.30 -0.48 -10.93
N SER A 176 11.44 -0.91 -9.68
CA SER A 176 12.46 -0.35 -8.79
C SER A 176 13.78 -1.12 -8.82
N ILE A 177 13.80 -2.34 -9.35
CA ILE A 177 14.92 -3.26 -9.18
C ILE A 177 15.09 -4.05 -10.45
N ASP A 178 16.34 -4.16 -10.94
CA ASP A 178 16.72 -4.98 -12.08
C ASP A 178 17.71 -6.04 -11.59
N CYS A 179 17.27 -7.30 -11.55
CA CYS A 179 18.13 -8.40 -11.13
C CYS A 179 18.55 -9.29 -12.29
N THR A 180 18.37 -8.87 -13.54
CA THR A 180 18.75 -9.71 -14.66
C THR A 180 19.78 -9.11 -15.60
N THR A 181 19.99 -7.79 -15.60
CA THR A 181 20.93 -7.23 -16.56
C THR A 181 22.37 -7.60 -16.21
N SER A 182 22.71 -7.57 -14.93
N SER A 182 22.70 -7.59 -14.92
CA SER A 182 24.07 -7.87 -14.50
CA SER A 182 24.06 -7.86 -14.47
C SER A 182 24.09 -9.19 -13.74
C SER A 182 24.09 -9.19 -13.72
N THR A 183 25.06 -10.04 -14.04
CA THR A 183 25.19 -11.31 -13.34
C THR A 183 25.78 -11.17 -11.95
N THR A 184 26.31 -10.01 -11.60
CA THR A 184 26.98 -9.85 -10.31
C THR A 184 26.15 -9.09 -9.28
N GLY A 185 24.90 -8.75 -9.57
CA GLY A 185 24.08 -8.13 -8.54
C GLY A 185 22.76 -7.62 -9.08
N CYS A 186 22.00 -7.00 -8.19
CA CYS A 186 20.75 -6.35 -8.54
C CYS A 186 20.97 -4.85 -8.56
N ARG A 187 20.48 -4.20 -9.60
CA ARG A 187 20.61 -2.76 -9.69
C ARG A 187 19.36 -2.07 -9.16
N ILE A 188 19.55 -1.12 -8.28
CA ILE A 188 18.46 -0.28 -7.80
C ILE A 188 18.16 0.76 -8.86
N LEU A 189 16.91 0.83 -9.31
CA LEU A 189 16.50 1.78 -10.34
C LEU A 189 15.79 3.00 -9.79
N LYS A 190 15.27 2.92 -8.57
CA LYS A 190 14.57 4.05 -7.95
C LYS A 190 15.05 4.22 -6.52
N ALA A 191 15.23 5.48 -6.10
CA ALA A 191 15.50 5.73 -4.69
C ALA A 191 14.39 5.11 -3.87
N GLY A 192 14.75 4.45 -2.77
CA GLY A 192 13.72 3.77 -1.99
C GLY A 192 14.32 3.09 -0.79
N THR A 193 13.47 2.39 -0.05
CA THR A 193 13.89 1.57 1.07
C THR A 193 13.79 0.11 0.67
N TYR A 194 14.85 -0.66 0.96
CA TYR A 194 14.94 -2.04 0.50
C TYR A 194 15.29 -2.96 1.66
N GLU A 195 14.72 -4.16 1.63
CA GLU A 195 15.02 -5.23 2.57
C GLU A 195 15.68 -6.38 1.80
N ILE A 196 16.88 -6.75 2.21
CA ILE A 196 17.71 -7.66 1.43
C ILE A 196 18.24 -8.76 2.35
N ARG A 197 18.16 -10.00 1.88
CA ARG A 197 18.76 -11.14 2.57
C ARG A 197 19.51 -11.99 1.57
N CYS A 198 20.76 -12.33 1.93
CA CYS A 198 21.63 -13.14 1.10
C CYS A 198 22.03 -14.38 1.89
N VAL A 199 21.88 -15.57 1.30
CA VAL A 199 22.30 -16.79 1.96
C VAL A 199 23.18 -17.60 1.02
N GLN A 200 24.14 -18.33 1.60
CA GLN A 200 24.93 -19.26 0.81
C GLN A 200 25.34 -20.46 1.67
N ARG A 201 25.40 -21.63 1.02
CA ARG A 201 25.80 -22.86 1.71
C ARG A 201 27.30 -22.92 1.95
N ALA A 202 27.68 -23.36 3.15
CA ALA A 202 29.06 -23.72 3.43
C ALA A 202 29.41 -25.02 2.72
N GLY A 203 30.66 -25.12 2.27
CA GLY A 203 31.17 -26.34 1.68
C GLY A 203 31.52 -27.37 2.72
N THR A 204 32.53 -28.21 2.42
CA THR A 204 32.83 -29.34 3.29
C THR A 204 34.20 -29.22 3.97
N SER A 205 34.79 -28.02 3.99
CA SER A 205 36.09 -27.85 4.63
C SER A 205 36.02 -27.95 6.15
N GLY A 206 34.86 -27.70 6.75
CA GLY A 206 34.76 -27.52 8.18
C GLY A 206 35.19 -26.15 8.68
N ASN A 207 35.69 -25.28 7.80
CA ASN A 207 36.14 -23.96 8.20
C ASN A 207 34.96 -22.99 8.38
N SER A 208 35.17 -21.99 9.24
CA SER A 208 34.24 -20.86 9.32
C SER A 208 34.13 -20.14 7.98
N VAL A 209 32.89 -19.85 7.56
CA VAL A 209 32.65 -19.11 6.32
C VAL A 209 31.55 -18.08 6.55
N TYR A 210 31.59 -17.01 5.76
CA TYR A 210 30.49 -16.07 5.73
C TYR A 210 30.43 -15.35 4.39
N VAL A 211 29.26 -14.78 4.12
CA VAL A 211 29.06 -13.88 3.00
C VAL A 211 28.57 -12.55 3.54
N GLY A 212 28.69 -11.53 2.70
CA GLY A 212 28.18 -10.22 3.03
C GLY A 212 27.55 -9.56 1.83
N ILE A 213 26.47 -8.82 2.09
CA ILE A 213 25.88 -7.90 1.12
C ILE A 213 26.76 -6.66 0.98
N ALA A 214 26.89 -6.15 -0.23
CA ALA A 214 27.77 -5.01 -0.44
C ALA A 214 27.21 -4.14 -1.55
N LEU A 215 27.74 -2.92 -1.63
CA LEU A 215 27.44 -1.97 -2.69
C LEU A 215 28.52 -2.12 -3.75
N ASN A 216 28.22 -2.91 -4.78
CA ASN A 216 29.20 -3.28 -5.80
C ASN A 216 30.53 -3.70 -5.19
N GLY A 217 30.47 -4.63 -4.24
CA GLY A 217 31.69 -5.14 -3.63
C GLY A 217 32.15 -4.40 -2.39
N ASP A 218 31.68 -3.16 -2.17
CA ASP A 218 32.10 -2.36 -1.03
C ASP A 218 31.16 -2.62 0.14
N ARG A 219 31.61 -3.45 1.09
CA ARG A 219 30.76 -3.75 2.25
C ARG A 219 30.61 -2.52 3.15
N THR A 220 31.71 -1.82 3.41
CA THR A 220 31.70 -0.67 4.32
C THR A 220 30.75 0.41 3.85
N ALA A 221 30.59 0.59 2.53
CA ALA A 221 29.68 1.60 2.02
C ALA A 221 28.28 1.43 2.59
N LEU A 222 27.87 0.20 2.89
CA LEU A 222 26.57 -0.03 3.52
C LEU A 222 26.69 -0.14 5.03
N GLU A 223 27.66 -0.94 5.51
CA GLU A 223 27.70 -1.29 6.93
C GLU A 223 27.93 -0.08 7.83
N SER A 224 28.68 0.92 7.36
CA SER A 224 29.03 2.05 8.21
C SER A 224 27.92 3.09 8.34
N ARG A 225 26.80 2.95 7.64
CA ARG A 225 25.75 3.97 7.66
C ARG A 225 24.93 3.86 8.96
N ASN A 226 24.62 5.01 9.55
N ASN A 226 24.63 5.00 9.54
CA ASN A 226 23.86 5.01 10.80
CA ASN A 226 23.87 5.03 10.80
C ASN A 226 22.36 4.80 10.58
C ASN A 226 22.37 4.96 10.59
N ASP A 227 21.90 4.81 9.34
CA ASP A 227 20.47 4.72 9.04
C ASP A 227 20.08 3.38 8.42
N VAL A 228 20.90 2.35 8.60
CA VAL A 228 20.59 1.04 8.01
C VAL A 228 20.86 -0.06 9.02
N LEU A 229 20.25 -1.19 8.76
CA LEU A 229 20.65 -2.45 9.36
C LEU A 229 21.57 -3.17 8.38
N TRP A 230 22.69 -3.67 8.89
CA TRP A 230 23.59 -4.53 8.12
C TRP A 230 24.15 -5.57 9.08
N ASN A 231 24.02 -6.85 8.73
CA ASN A 231 24.56 -7.88 9.59
C ASN A 231 24.99 -9.07 8.75
N HIS A 232 25.72 -9.99 9.37
CA HIS A 232 26.05 -11.26 8.75
C HIS A 232 26.42 -12.24 9.84
N SER A 233 26.19 -13.53 9.58
CA SER A 233 26.62 -14.59 10.49
C SER A 233 27.71 -15.42 9.85
N HIS A 234 28.30 -16.28 10.67
CA HIS A 234 29.23 -17.33 10.24
C HIS A 234 28.54 -18.68 10.29
N THR A 235 29.11 -19.63 9.55
CA THR A 235 28.68 -21.01 9.67
C THR A 235 29.81 -21.90 9.20
N ALA A 236 29.71 -23.20 9.56
CA ALA A 236 30.70 -24.18 9.14
C ALA A 236 30.12 -25.52 8.71
N TYR A 237 28.96 -25.92 9.19
CA TYR A 237 28.38 -27.23 8.86
C TYR A 237 28.08 -27.30 7.37
N SER A 238 28.47 -28.40 6.74
CA SER A 238 28.26 -28.51 5.29
C SER A 238 26.77 -28.46 4.97
N GLY A 239 26.40 -27.57 4.05
CA GLY A 239 25.01 -27.40 3.67
C GLY A 239 24.22 -26.40 4.50
N SER A 240 24.76 -25.90 5.61
CA SER A 240 24.09 -24.86 6.37
C SER A 240 24.38 -23.51 5.75
N TYR A 241 23.53 -22.53 6.06
CA TYR A 241 23.61 -21.19 5.47
C TYR A 241 24.42 -20.27 6.34
N THR A 242 25.34 -19.54 5.73
CA THR A 242 25.71 -18.23 6.25
C THR A 242 24.75 -17.23 5.63
N GLU A 243 24.38 -16.21 6.41
CA GLU A 243 23.41 -15.23 5.96
C GLU A 243 23.93 -13.83 6.22
N SER A 244 23.51 -12.89 5.37
CA SER A 244 23.76 -11.49 5.61
C SER A 244 22.47 -10.73 5.30
N ASN A 245 22.22 -9.66 6.04
CA ASN A 245 20.96 -8.92 5.90
C ASN A 245 21.23 -7.42 5.81
N PHE A 246 20.34 -6.74 5.08
CA PHE A 246 20.36 -5.29 4.95
C PHE A 246 18.93 -4.75 5.01
N MET A 247 18.78 -3.58 5.63
N MET A 247 18.77 -3.60 5.65
CA MET A 247 17.51 -2.87 5.60
CA MET A 247 17.50 -2.88 5.52
C MET A 247 17.80 -1.38 5.57
C MET A 247 17.78 -1.39 5.57
N GLY A 248 17.29 -0.68 4.58
CA GLY A 248 17.47 0.77 4.56
C GLY A 248 17.36 1.35 3.16
N THR A 249 17.61 2.66 3.08
CA THR A 249 17.45 3.34 1.80
C THR A 249 18.65 3.09 0.88
N LEU A 250 18.36 3.05 -0.41
CA LEU A 250 19.39 2.96 -1.45
C LEU A 250 19.05 3.93 -2.58
N SER A 251 20.11 4.27 -3.32
CA SER A 251 20.10 5.24 -4.41
C SER A 251 19.94 4.53 -5.74
N ALA A 252 19.24 5.20 -6.67
CA ALA A 252 19.21 4.75 -8.06
C ALA A 252 20.63 4.55 -8.58
N ASN A 253 20.82 3.47 -9.34
CA ASN A 253 22.07 3.04 -9.97
C ASN A 253 22.95 2.22 -9.03
N ASP A 254 22.57 2.07 -7.75
CA ASP A 254 23.31 1.19 -6.84
C ASP A 254 23.27 -0.24 -7.36
N LEU A 255 24.42 -0.92 -7.40
CA LEU A 255 24.44 -2.35 -7.72
C LEU A 255 24.70 -3.10 -6.43
N ILE A 256 23.72 -3.87 -6.00
CA ILE A 256 23.82 -4.63 -4.76
C ILE A 256 24.38 -6.01 -5.08
N THR A 257 25.49 -6.35 -4.43
CA THR A 257 26.17 -7.62 -4.63
C THR A 257 26.16 -8.40 -3.32
N CYS A 258 26.51 -9.68 -3.39
CA CYS A 258 26.73 -10.44 -2.16
C CYS A 258 27.77 -11.51 -2.43
N GLY A 259 28.65 -11.76 -1.45
CA GLY A 259 29.62 -12.82 -1.67
C GLY A 259 30.57 -13.01 -0.51
N ALA A 260 31.54 -13.90 -0.72
CA ALA A 260 32.57 -14.15 0.29
C ALA A 260 33.47 -12.93 0.43
N PRO A 261 34.07 -12.74 1.60
CA PRO A 261 34.94 -11.56 1.79
C PRO A 261 36.29 -11.66 1.07
N VAL A 262 36.77 -12.87 0.74
CA VAL A 262 38.06 -13.03 0.06
C VAL A 262 38.03 -14.34 -0.69
N ASN A 263 38.96 -14.50 -1.64
CA ASN A 263 38.92 -15.66 -2.54
C ASN A 263 39.08 -16.97 -1.77
N THR A 264 39.99 -17.00 -0.78
CA THR A 264 40.24 -18.25 -0.07
C THR A 264 39.05 -18.67 0.78
N MET A 265 38.21 -17.73 1.21
CA MET A 265 36.98 -18.15 1.88
C MET A 265 35.90 -18.55 0.87
N ALA A 266 35.85 -17.91 -0.29
CA ALA A 266 34.97 -18.37 -1.35
C ALA A 266 35.22 -19.85 -1.67
N ALA A 267 36.48 -20.27 -1.65
CA ALA A 267 36.78 -21.67 -1.92
C ALA A 267 36.10 -22.62 -0.94
N ASP A 268 35.70 -22.14 0.24
CA ASP A 268 35.07 -22.97 1.26
C ASP A 268 33.54 -22.87 1.25
N LEU A 269 32.97 -22.13 0.29
CA LEU A 269 31.53 -22.04 0.08
C LEU A 269 31.12 -22.87 -1.14
N VAL A 270 29.82 -23.16 -1.24
CA VAL A 270 29.31 -23.95 -2.35
C VAL A 270 28.96 -23.04 -3.52
N TYR A 271 29.58 -23.27 -4.68
CA TYR A 271 29.21 -22.58 -5.91
C TYR A 271 28.64 -23.61 -6.88
N ALA A 272 27.34 -23.54 -7.13
CA ALA A 272 26.69 -24.41 -8.10
C ALA A 272 25.37 -23.76 -8.48
N VAL A 273 24.74 -24.32 -9.51
CA VAL A 273 23.59 -23.68 -10.17
C VAL A 273 22.31 -23.70 -9.34
N PRO A 274 21.96 -24.80 -8.66
CA PRO A 274 20.67 -24.84 -7.95
C PRO A 274 20.53 -23.73 -6.91
N ALA A 275 19.34 -23.13 -6.86
CA ALA A 275 19.13 -21.98 -6.02
C ALA A 275 19.29 -22.30 -4.54
N TYR A 276 19.09 -23.56 -4.12
CA TYR A 276 19.25 -23.86 -2.71
C TYR A 276 20.69 -23.69 -2.24
N ASN A 277 21.64 -23.59 -3.17
CA ASN A 277 23.03 -23.33 -2.80
C ASN A 277 23.26 -21.88 -2.39
N GLY A 278 22.43 -20.96 -2.86
CA GLY A 278 22.62 -19.56 -2.50
C GLY A 278 21.63 -18.67 -3.21
N THR A 279 21.12 -17.66 -2.52
CA THR A 279 20.23 -16.69 -3.16
C THR A 279 20.45 -15.32 -2.57
N MET A 280 20.03 -14.31 -3.31
N MET A 280 20.05 -14.31 -3.34
CA MET A 280 19.85 -12.96 -2.78
CA MET A 280 19.83 -12.96 -2.86
C MET A 280 18.42 -12.54 -3.07
C MET A 280 18.36 -12.63 -3.05
N GLN A 281 17.76 -11.95 -2.07
CA GLN A 281 16.37 -11.52 -2.20
C GLN A 281 16.28 -10.07 -1.78
N ILE A 282 15.63 -9.25 -2.61
CA ILE A 282 15.47 -7.83 -2.40
C ILE A 282 13.99 -7.49 -2.54
N LYS A 283 13.42 -6.83 -1.54
CA LYS A 283 12.07 -6.30 -1.63
C LYS A 283 12.13 -4.81 -1.45
N ARG A 284 11.44 -4.08 -2.31
CA ARG A 284 11.17 -2.68 -1.99
C ARG A 284 10.12 -2.63 -0.88
N VAL A 285 10.41 -1.91 0.19
N VAL A 285 10.44 -1.88 0.16
CA VAL A 285 9.47 -1.88 1.31
CA VAL A 285 9.62 -1.81 1.37
C VAL A 285 8.58 -0.63 1.33
C VAL A 285 8.62 -0.66 1.32
N ASP A 286 8.97 0.43 0.65
CA ASP A 286 8.11 1.63 0.61
C ASP A 286 7.75 2.05 -0.83
N ASP B 31 -24.25 36.71 -18.38
CA ASP B 31 -24.06 37.02 -16.98
C ASP B 31 -24.09 35.74 -16.14
N ASP B 32 -23.51 35.85 -14.94
CA ASP B 32 -23.59 34.77 -13.98
C ASP B 32 -25.06 34.43 -13.71
N LEU B 33 -25.30 33.15 -13.46
CA LEU B 33 -26.60 32.67 -12.98
C LEU B 33 -26.49 32.50 -11.47
N ASN B 34 -27.27 33.28 -10.74
CA ASN B 34 -27.32 33.20 -9.29
C ASN B 34 -28.62 32.55 -8.85
N ILE B 35 -28.52 31.63 -7.91
CA ILE B 35 -29.66 31.06 -7.20
C ILE B 35 -29.45 31.36 -5.72
N ARG B 36 -30.36 32.14 -5.14
CA ARG B 36 -30.25 32.63 -3.77
C ARG B 36 -31.41 32.10 -2.95
N THR B 37 -31.11 31.53 -1.78
CA THR B 37 -32.13 30.94 -0.93
C THR B 37 -31.92 31.41 0.50
N TYR B 38 -32.99 31.94 1.11
CA TYR B 38 -33.02 32.33 2.51
C TYR B 38 -33.92 31.38 3.28
N GLY B 39 -33.75 31.38 4.59
CA GLY B 39 -34.71 30.71 5.46
C GLY B 39 -34.12 29.48 6.12
N ALA B 40 -34.98 28.84 6.92
CA ALA B 40 -34.57 27.78 7.84
C ALA B 40 -34.50 26.39 7.22
N THR B 41 -35.19 26.16 6.09
CA THR B 41 -35.39 24.78 5.64
C THR B 41 -35.01 24.53 4.17
N GLU B 42 -35.09 25.54 3.32
CA GLU B 42 -34.91 25.34 1.88
C GLU B 42 -33.45 25.58 1.46
N THR B 43 -33.17 25.25 0.20
CA THR B 43 -31.83 25.44 -0.34
C THR B 43 -31.88 25.70 -1.84
N SER B 44 -30.78 26.23 -2.37
CA SER B 44 -30.66 26.51 -3.80
C SER B 44 -30.23 25.26 -4.55
N SER B 45 -30.98 24.96 -5.62
CA SER B 45 -30.70 23.71 -6.35
C SER B 45 -30.85 23.83 -7.86
N LEU B 46 -29.77 23.58 -8.62
CA LEU B 46 -29.88 23.41 -10.05
C LEU B 46 -30.26 21.96 -10.31
N ILE B 47 -31.44 21.75 -10.90
CA ILE B 47 -32.00 20.42 -11.08
C ILE B 47 -32.07 20.13 -12.58
N MET B 48 -31.44 19.04 -12.99
CA MET B 48 -31.47 18.59 -14.36
C MET B 48 -32.29 17.29 -14.45
N LEU B 49 -33.28 17.28 -15.34
CA LEU B 49 -34.24 16.19 -15.46
C LEU B 49 -34.20 15.63 -16.87
N ARG B 50 -34.27 14.30 -16.96
CA ARG B 50 -34.15 13.61 -18.23
C ARG B 50 -35.22 12.53 -18.34
N ALA B 51 -35.92 12.52 -19.48
CA ALA B 51 -36.78 11.42 -19.88
C ALA B 51 -36.56 11.15 -21.36
N ARG B 52 -37.05 10.01 -21.82
CA ARG B 52 -37.10 9.72 -23.24
C ARG B 52 -38.50 10.05 -23.76
N GLY B 53 -38.69 9.86 -25.06
CA GLY B 53 -39.97 10.22 -25.67
C GLY B 53 -40.13 11.72 -25.73
N THR B 54 -41.31 12.20 -25.32
CA THR B 54 -41.63 13.62 -25.35
C THR B 54 -42.38 13.98 -24.08
N ALA B 55 -42.57 15.29 -23.88
CA ALA B 55 -43.35 15.76 -22.74
C ALA B 55 -44.73 15.11 -22.71
N SER B 56 -45.32 14.88 -23.88
CA SER B 56 -46.64 14.24 -23.95
C SER B 56 -46.53 12.72 -23.80
N ALA B 57 -45.51 12.10 -24.40
CA ALA B 57 -45.33 10.65 -24.35
C ALA B 57 -44.02 10.34 -23.65
N PRO B 58 -43.93 10.62 -22.34
CA PRO B 58 -42.65 10.41 -21.64
C PRO B 58 -42.29 8.93 -21.56
N ALA B 59 -41.03 8.63 -21.82
CA ALA B 59 -40.51 7.28 -21.70
C ALA B 59 -39.36 7.27 -20.70
N ALA B 60 -39.10 6.09 -20.15
CA ALA B 60 -38.13 5.94 -19.08
C ALA B 60 -36.70 6.09 -19.60
N VAL B 61 -35.83 6.63 -18.74
CA VAL B 61 -34.42 6.72 -19.05
C VAL B 61 -33.87 5.33 -19.33
N GLN B 62 -32.95 5.24 -20.30
CA GLN B 62 -32.36 3.97 -20.70
C GLN B 62 -30.86 3.99 -20.48
N THR B 63 -30.29 2.79 -20.31
CA THR B 63 -28.86 2.64 -20.08
C THR B 63 -28.06 3.45 -21.08
N GLY B 64 -27.07 4.19 -20.59
CA GLY B 64 -26.29 5.08 -21.40
C GLY B 64 -26.87 6.46 -21.59
N ASP B 65 -28.13 6.68 -21.23
CA ASP B 65 -28.70 8.02 -21.33
C ASP B 65 -28.03 8.97 -20.33
N ARG B 66 -27.70 10.17 -20.80
CA ARG B 66 -27.12 11.20 -19.90
C ARG B 66 -28.26 11.92 -19.18
N LEU B 67 -28.30 11.83 -17.86
CA LEU B 67 -29.29 12.57 -17.07
C LEU B 67 -29.08 14.07 -17.16
N GLY B 68 -27.83 14.49 -17.30
CA GLY B 68 -27.50 15.91 -17.35
C GLY B 68 -26.02 16.07 -17.15
N GLY B 69 -25.56 17.32 -17.26
CA GLY B 69 -24.16 17.57 -17.05
C GLY B 69 -23.85 19.04 -16.87
N VAL B 70 -22.72 19.29 -16.24
CA VAL B 70 -22.12 20.62 -16.20
C VAL B 70 -20.96 20.59 -17.19
N LEU B 71 -21.08 21.33 -18.29
CA LEU B 71 -20.12 21.28 -19.37
C LEU B 71 -19.34 22.58 -19.41
N PHE B 72 -18.01 22.48 -19.48
CA PHE B 72 -17.14 23.64 -19.67
C PHE B 72 -16.58 23.61 -21.08
N ARG B 73 -16.68 24.73 -21.80
N ARG B 73 -16.64 24.74 -21.77
CA ARG B 73 -16.20 24.86 -23.16
CA ARG B 73 -16.19 24.83 -23.17
C ARG B 73 -15.27 26.06 -23.25
C ARG B 73 -15.36 26.08 -23.35
N GLY B 74 -14.30 25.97 -24.15
CA GLY B 74 -13.36 27.07 -24.31
C GLY B 74 -12.95 27.31 -25.75
N TRP B 75 -12.94 28.57 -26.18
CA TRP B 75 -12.53 28.89 -27.54
C TRP B 75 -11.04 28.66 -27.72
N ASN B 76 -10.68 27.94 -28.79
CA ASN B 76 -9.28 27.71 -29.13
C ASN B 76 -8.85 28.41 -30.42
N GLY B 77 -9.64 29.36 -30.91
CA GLY B 77 -9.45 29.99 -32.19
C GLY B 77 -10.28 29.39 -33.31
N THR B 78 -10.63 28.11 -33.18
CA THR B 78 -11.38 27.39 -34.20
C THR B 78 -12.77 26.99 -33.75
N ALA B 79 -12.91 26.43 -32.56
CA ALA B 79 -14.19 25.97 -32.05
C ALA B 79 -14.24 26.12 -30.54
N TRP B 80 -15.42 25.85 -29.99
CA TRP B 80 -15.62 25.72 -28.55
C TRP B 80 -15.24 24.29 -28.17
N MET B 81 -14.09 24.17 -27.55
CA MET B 81 -13.55 22.82 -27.27
C MET B 81 -13.91 22.30 -25.87
N GLY B 82 -14.10 20.99 -25.77
CA GLY B 82 -14.32 20.34 -24.49
C GLY B 82 -13.24 20.75 -23.52
N SER B 83 -13.65 21.37 -22.43
CA SER B 83 -12.68 21.86 -21.41
C SER B 83 -13.10 21.33 -20.04
N GLY B 84 -13.54 20.07 -20.01
CA GLY B 84 -13.91 19.53 -18.72
C GLY B 84 -15.42 19.41 -18.62
N GLN B 85 -15.88 18.41 -17.86
CA GLN B 85 -17.31 18.31 -17.66
C GLN B 85 -17.58 17.30 -16.56
N ILE B 86 -18.76 17.42 -15.97
CA ILE B 86 -19.22 16.51 -14.94
C ILE B 86 -20.57 15.99 -15.40
N LEU B 87 -20.65 14.68 -15.66
CA LEU B 87 -21.83 14.07 -16.23
C LEU B 87 -22.45 13.11 -15.22
N SER B 88 -23.77 12.97 -15.30
CA SER B 88 -24.49 11.86 -14.66
C SER B 88 -25.06 11.00 -15.78
N VAL B 89 -24.82 9.70 -15.74
CA VAL B 89 -25.21 8.81 -16.83
C VAL B 89 -25.88 7.56 -16.29
N ALA B 90 -26.97 7.14 -16.92
CA ALA B 90 -27.67 5.93 -16.49
C ALA B 90 -26.84 4.69 -16.80
N GLU B 91 -26.78 3.77 -15.82
CA GLU B 91 -26.08 2.50 -15.95
C GLU B 91 -27.04 1.33 -16.09
N GLU B 92 -28.34 1.60 -16.20
CA GLU B 92 -29.38 0.58 -16.30
C GLU B 92 -30.65 1.26 -16.79
N ASN B 93 -31.47 0.50 -17.50
CA ASN B 93 -32.82 0.97 -17.82
C ASN B 93 -33.57 1.24 -16.53
N PHE B 94 -34.13 2.45 -16.39
CA PHE B 94 -34.74 2.82 -15.12
C PHE B 94 -35.99 2.00 -14.81
N THR B 95 -36.68 1.48 -15.83
CA THR B 95 -37.78 0.57 -15.54
C THR B 95 -37.28 -0.70 -14.85
N THR B 96 -36.01 -1.05 -15.05
CA THR B 96 -35.40 -2.15 -14.30
C THR B 96 -34.88 -1.67 -12.96
N ALA B 97 -33.96 -0.71 -12.98
CA ALA B 97 -33.35 -0.21 -11.75
C ALA B 97 -32.78 1.18 -12.02
N VAL B 98 -32.82 2.02 -10.99
CA VAL B 98 -32.25 3.36 -11.04
C VAL B 98 -30.79 3.22 -10.59
N LYS B 99 -29.89 3.09 -11.57
CA LYS B 99 -28.46 3.03 -11.32
C LYS B 99 -27.80 4.06 -12.21
N THR B 100 -26.99 4.93 -11.64
CA THR B 100 -26.26 5.92 -12.40
C THR B 100 -24.79 5.94 -12.01
N ASN B 101 -23.99 6.55 -12.87
CA ASN B 101 -22.61 6.90 -12.54
C ASN B 101 -22.41 8.40 -12.69
N LEU B 102 -21.40 8.91 -11.99
CA LEU B 102 -20.92 10.27 -12.15
C LEU B 102 -19.54 10.22 -12.80
N GLN B 103 -19.31 11.07 -13.79
CA GLN B 103 -18.05 11.08 -14.54
C GLN B 103 -17.45 12.47 -14.52
N PHE B 104 -16.14 12.52 -14.29
CA PHE B 104 -15.36 13.74 -14.27
C PHE B 104 -14.36 13.66 -15.41
N HIS B 105 -14.54 14.60 -16.34
CA HIS B 105 -13.68 14.67 -17.53
C HIS B 105 -12.90 15.98 -17.53
N VAL B 106 -11.73 15.95 -18.16
CA VAL B 106 -10.87 17.15 -18.27
C VAL B 106 -10.47 17.32 -19.72
N GLY B 107 -10.15 18.55 -20.11
CA GLY B 107 -9.62 18.78 -21.45
C GLY B 107 -8.25 18.15 -21.55
N GLY B 108 -8.09 17.25 -22.50
CA GLY B 108 -6.82 16.52 -22.63
C GLY B 108 -7.08 15.03 -22.58
N ALA B 109 -7.17 14.47 -21.38
CA ALA B 109 -7.36 13.01 -21.26
C ALA B 109 -8.82 12.61 -21.43
N GLY B 110 -9.75 13.54 -21.27
CA GLY B 110 -11.14 13.12 -21.33
C GLY B 110 -11.58 12.56 -19.99
N GLU B 111 -12.29 11.44 -19.98
CA GLU B 111 -12.79 10.93 -18.72
C GLU B 111 -11.63 10.56 -17.83
N ALA B 112 -11.61 11.11 -16.62
CA ALA B 112 -10.52 10.87 -15.68
C ALA B 112 -10.97 10.10 -14.46
N MET B 113 -12.20 10.32 -14.00
CA MET B 113 -12.67 9.66 -12.79
C MET B 113 -14.13 9.29 -12.97
N ARG B 114 -14.50 8.13 -12.44
CA ARG B 114 -15.86 7.63 -12.52
C ARG B 114 -16.30 7.11 -11.16
N ILE B 115 -17.55 7.38 -10.81
CA ILE B 115 -18.18 6.82 -9.62
C ILE B 115 -19.38 6.03 -10.11
N SER B 116 -19.31 4.70 -10.00
CA SER B 116 -20.40 3.85 -10.47
C SER B 116 -21.55 3.78 -9.47
N ASN B 117 -22.64 3.15 -9.89
CA ASN B 117 -23.83 3.10 -9.05
C ASN B 117 -23.58 2.35 -7.73
N THR B 118 -22.55 1.52 -7.67
CA THR B 118 -22.15 0.84 -6.44
C THR B 118 -21.44 1.77 -5.47
N GLY B 119 -21.18 3.02 -5.87
CA GLY B 119 -20.28 3.89 -5.16
C GLY B 119 -18.81 3.63 -5.41
N ASN B 120 -18.46 2.65 -6.24
CA ASN B 120 -17.06 2.34 -6.52
C ASN B 120 -16.46 3.37 -7.45
N VAL B 121 -15.19 3.70 -7.23
CA VAL B 121 -14.52 4.80 -7.90
C VAL B 121 -13.40 4.24 -8.77
N GLY B 122 -13.36 4.68 -10.03
CA GLY B 122 -12.26 4.40 -10.92
C GLY B 122 -11.53 5.69 -11.31
N ILE B 123 -10.21 5.63 -11.23
CA ILE B 123 -9.35 6.73 -11.66
C ILE B 123 -8.49 6.20 -12.80
N GLY B 124 -8.71 6.71 -14.00
CA GLY B 124 -8.02 6.24 -15.17
C GLY B 124 -8.57 4.96 -15.75
N THR B 125 -9.73 4.52 -15.27
CA THR B 125 -10.35 3.27 -15.73
C THR B 125 -11.85 3.38 -15.47
N THR B 126 -12.63 2.74 -16.33
CA THR B 126 -14.07 2.68 -16.11
C THR B 126 -14.50 1.40 -15.40
N THR B 127 -13.58 0.47 -15.17
CA THR B 127 -13.92 -0.78 -14.50
C THR B 127 -13.78 -0.55 -13.00
N THR B 128 -14.91 -0.48 -12.30
CA THR B 128 -14.93 -0.12 -10.88
C THR B 128 -15.19 -1.37 -10.02
N THR B 129 -14.30 -2.35 -10.13
CA THR B 129 -14.49 -3.60 -9.40
C THR B 129 -14.51 -3.40 -7.89
N GLU B 130 -13.48 -2.75 -7.36
CA GLU B 130 -13.36 -2.48 -5.93
C GLU B 130 -13.77 -1.05 -5.61
N LYS B 131 -13.81 -0.75 -4.31
CA LYS B 131 -14.24 0.58 -3.87
C LYS B 131 -13.39 1.67 -4.53
N LEU B 132 -12.09 1.43 -4.69
CA LEU B 132 -11.21 2.36 -5.41
C LEU B 132 -10.30 1.56 -6.34
N ASN B 133 -10.22 2.00 -7.60
CA ASN B 133 -9.43 1.35 -8.63
C ASN B 133 -8.63 2.43 -9.34
N VAL B 134 -7.32 2.22 -9.44
CA VAL B 134 -6.42 3.21 -10.05
C VAL B 134 -5.67 2.50 -11.16
N GLN B 135 -5.80 3.00 -12.39
CA GLN B 135 -5.06 2.51 -13.55
C GLN B 135 -3.79 3.35 -13.66
N GLY B 136 -2.75 2.93 -12.96
CA GLY B 136 -1.55 3.72 -12.84
C GLY B 136 -0.91 3.49 -11.48
N ASN B 137 0.04 4.35 -11.14
CA ASN B 137 0.71 4.29 -9.85
C ASN B 137 -0.01 5.17 -8.84
N VAL B 138 0.28 4.95 -7.56
CA VAL B 138 -0.23 5.78 -6.47
C VAL B 138 0.96 6.27 -5.64
N ALA B 139 1.04 7.57 -5.39
CA ALA B 139 2.09 8.16 -4.58
C ALA B 139 1.47 8.78 -3.33
N VAL B 140 1.93 8.34 -2.16
CA VAL B 140 1.39 8.78 -0.87
C VAL B 140 2.53 9.34 -0.06
N SER B 141 2.37 10.58 0.45
CA SER B 141 3.46 11.22 1.17
C SER B 141 3.57 10.74 2.60
N GLY B 142 2.47 10.27 3.19
CA GLY B 142 2.44 9.70 4.53
C GLY B 142 2.43 8.20 4.49
N GLU B 143 1.69 7.59 5.42
CA GLU B 143 1.64 6.14 5.56
C GLU B 143 0.26 5.59 5.22
N ILE B 144 0.23 4.32 4.83
CA ILE B 144 -0.99 3.63 4.43
C ILE B 144 -1.28 2.54 5.45
N THR B 145 -2.53 2.48 5.92
CA THR B 145 -2.94 1.37 6.75
C THR B 145 -4.04 0.58 6.04
N SER B 146 -3.97 -0.73 6.13
CA SER B 146 -4.96 -1.61 5.50
C SER B 146 -4.84 -2.98 6.15
N VAL B 147 -5.72 -3.89 5.72
CA VAL B 147 -5.60 -5.29 6.08
C VAL B 147 -4.54 -5.92 5.17
N ARG B 148 -3.65 -6.67 5.84
N ARG B 148 -3.59 -6.62 5.82
CA ARG B 148 -2.57 -7.40 5.15
CA ARG B 148 -2.56 -7.37 5.07
C ARG B 148 -2.81 -8.91 5.33
C ARG B 148 -2.78 -8.88 5.31
N SER B 149 -2.88 -9.60 4.14
CA SER B 149 -3.14 -11.04 4.21
C SER B 149 -1.86 -11.75 4.62
N TRP B 150 -1.96 -12.58 5.67
CA TRP B 150 -0.82 -13.41 6.06
C TRP B 150 -1.38 -14.60 6.83
N GLY B 151 -0.57 -15.65 6.93
CA GLY B 151 -0.99 -16.85 7.65
C GLY B 151 0.20 -17.62 8.15
N ILE B 152 -0.04 -18.44 9.17
CA ILE B 152 1.01 -19.23 9.81
C ILE B 152 0.50 -20.61 10.17
N LYS B 153 1.43 -21.56 10.13
CA LYS B 153 1.31 -22.88 10.75
C LYS B 153 2.32 -22.96 11.87
N ARG B 154 1.93 -23.66 12.95
N ARG B 154 1.95 -23.65 12.95
CA ARG B 154 2.73 -23.78 14.16
CA ARG B 154 2.84 -23.78 14.09
C ARG B 154 2.69 -25.20 14.70
C ARG B 154 2.71 -25.16 14.73
N GLY B 155 3.85 -25.67 15.18
CA GLY B 155 3.93 -26.90 15.94
C GLY B 155 3.83 -28.15 15.09
N PRO B 156 4.96 -28.57 14.47
CA PRO B 156 4.93 -29.78 13.64
C PRO B 156 4.87 -31.04 14.50
N THR B 157 3.76 -31.76 14.44
CA THR B 157 3.52 -32.85 15.36
C THR B 157 3.61 -34.24 14.73
N SER B 158 3.52 -34.36 13.41
CA SER B 158 3.80 -35.65 12.77
C SER B 158 4.12 -35.43 11.30
N PHE B 159 4.65 -36.47 10.70
CA PHE B 159 5.01 -36.48 9.29
C PHE B 159 3.84 -37.08 8.52
N SER B 160 3.26 -36.31 7.60
CA SER B 160 2.15 -36.81 6.80
C SER B 160 2.63 -37.41 5.48
N ALA B 161 3.51 -36.70 4.77
CA ALA B 161 4.03 -37.17 3.49
C ALA B 161 5.31 -36.41 3.19
N ASN B 162 6.00 -36.82 2.13
CA ASN B 162 7.18 -36.06 1.72
C ASN B 162 6.83 -34.60 1.58
N TYR B 163 7.56 -33.74 2.28
CA TYR B 163 7.36 -32.29 2.29
C TYR B 163 5.99 -31.86 2.83
N ILE B 164 5.37 -32.69 3.67
CA ILE B 164 4.10 -32.34 4.30
C ILE B 164 4.13 -32.73 5.78
N ASN B 165 4.34 -31.75 6.65
CA ASN B 165 4.12 -31.96 8.07
C ASN B 165 2.65 -31.79 8.41
N VAL B 166 2.22 -32.46 9.48
CA VAL B 166 0.99 -32.11 10.19
C VAL B 166 1.36 -31.04 11.22
N TRP B 167 0.59 -29.96 11.26
CA TRP B 167 0.87 -28.83 12.15
C TRP B 167 -0.21 -28.73 13.23
N ASN B 168 0.22 -28.44 14.46
CA ASN B 168 -0.73 -28.43 15.57
C ASN B 168 -1.77 -27.33 15.41
N SER B 169 -1.38 -26.14 14.93
CA SER B 169 -2.43 -25.15 14.73
C SER B 169 -2.03 -24.19 13.61
N GLY B 170 -2.99 -23.36 13.22
CA GLY B 170 -2.77 -22.36 12.21
C GLY B 170 -3.55 -21.10 12.55
N TYR B 171 -3.14 -20.01 11.92
CA TYR B 171 -3.83 -18.73 12.10
C TYR B 171 -3.65 -17.91 10.83
N HIS B 172 -4.61 -17.04 10.51
CA HIS B 172 -4.42 -16.17 9.36
C HIS B 172 -5.23 -14.90 9.53
N VAL B 173 -4.87 -13.91 8.73
CA VAL B 173 -5.51 -12.61 8.67
C VAL B 173 -5.79 -12.31 7.21
N GLY B 174 -6.96 -11.70 6.95
CA GLY B 174 -7.32 -11.30 5.61
C GLY B 174 -7.97 -12.42 4.82
N SER B 175 -7.98 -12.24 3.49
CA SER B 175 -8.77 -13.07 2.60
C SER B 175 -7.95 -13.91 1.60
N SER B 176 -6.62 -13.77 1.56
CA SER B 176 -5.84 -14.46 0.53
C SER B 176 -5.33 -15.84 0.94
N ILE B 177 -5.26 -16.15 2.24
CA ILE B 177 -4.58 -17.35 2.73
C ILE B 177 -5.44 -18.00 3.80
N ASP B 178 -5.60 -19.32 3.72
CA ASP B 178 -6.40 -20.09 4.69
C ASP B 178 -5.45 -21.08 5.36
N CYS B 179 -5.08 -20.80 6.61
CA CYS B 179 -4.17 -21.66 7.36
C CYS B 179 -4.89 -22.44 8.47
N THR B 180 -6.23 -22.42 8.51
CA THR B 180 -6.95 -23.20 9.52
C THR B 180 -7.76 -24.39 8.98
N THR B 181 -8.19 -24.38 7.72
CA THR B 181 -9.07 -25.46 7.29
C THR B 181 -8.36 -26.81 7.33
N SER B 182 -7.10 -26.85 6.92
CA SER B 182 -6.36 -28.10 6.80
C SER B 182 -5.16 -28.10 7.73
N THR B 183 -4.91 -29.23 8.38
CA THR B 183 -3.76 -29.33 9.27
C THR B 183 -2.45 -29.56 8.54
N THR B 184 -2.46 -29.80 7.23
CA THR B 184 -1.24 -30.14 6.49
C THR B 184 -0.78 -29.04 5.53
N GLY B 185 -1.36 -27.85 5.60
CA GLY B 185 -0.85 -26.75 4.81
C GLY B 185 -1.81 -25.59 4.82
N CYS B 186 -1.44 -24.56 4.08
CA CYS B 186 -2.27 -23.37 3.93
C CYS B 186 -2.76 -23.30 2.49
N ARG B 187 -4.05 -23.05 2.32
CA ARG B 187 -4.63 -22.91 0.99
C ARG B 187 -4.49 -21.46 0.54
N ILE B 188 -3.92 -21.26 -0.64
CA ILE B 188 -3.93 -19.96 -1.29
C ILE B 188 -5.31 -19.78 -1.89
N LEU B 189 -6.02 -18.73 -1.43
CA LEU B 189 -7.39 -18.47 -1.87
C LEU B 189 -7.43 -17.49 -3.04
N LYS B 190 -6.37 -16.72 -3.25
CA LYS B 190 -6.34 -15.69 -4.28
C LYS B 190 -5.01 -15.75 -5.00
N ALA B 191 -5.05 -15.69 -6.34
CA ALA B 191 -3.81 -15.54 -7.10
C ALA B 191 -3.06 -14.31 -6.64
N GLY B 192 -1.75 -14.43 -6.46
CA GLY B 192 -0.98 -13.30 -5.96
C GLY B 192 0.46 -13.70 -5.76
N THR B 193 1.24 -12.80 -5.16
CA THR B 193 2.65 -13.04 -4.88
C THR B 193 2.82 -13.26 -3.38
N TYR B 194 3.54 -14.32 -3.01
CA TYR B 194 3.70 -14.69 -1.62
C TYR B 194 5.17 -14.91 -1.27
N GLU B 195 5.50 -14.55 -0.03
CA GLU B 195 6.81 -14.76 0.57
C GLU B 195 6.61 -15.73 1.74
N ILE B 196 7.30 -16.86 1.70
CA ILE B 196 7.05 -17.97 2.62
C ILE B 196 8.39 -18.40 3.22
N ARG B 197 8.42 -18.57 4.53
CA ARG B 197 9.58 -19.14 5.20
C ARG B 197 9.10 -20.23 6.15
N CYS B 198 9.76 -21.39 6.09
CA CYS B 198 9.44 -22.55 6.91
C CYS B 198 10.71 -22.96 7.66
N VAL B 199 10.61 -23.20 8.95
CA VAL B 199 11.76 -23.61 9.75
C VAL B 199 11.36 -24.76 10.64
N GLN B 200 12.34 -25.62 10.95
CA GLN B 200 12.10 -26.72 11.88
C GLN B 200 13.41 -27.09 12.58
N ARG B 201 13.30 -27.52 13.83
CA ARG B 201 14.46 -27.87 14.64
C ARG B 201 14.97 -29.26 14.32
N ALA B 202 16.30 -29.40 14.26
CA ALA B 202 16.91 -30.72 14.26
C ALA B 202 16.81 -31.35 15.64
N GLY B 203 16.61 -32.68 15.65
CA GLY B 203 16.69 -33.48 16.84
C GLY B 203 18.12 -33.78 17.24
N THR B 204 18.31 -34.90 17.92
CA THR B 204 19.55 -35.20 18.62
C THR B 204 20.38 -36.28 17.93
N SER B 205 20.07 -36.59 16.67
CA SER B 205 20.75 -37.69 15.98
C SER B 205 22.12 -37.32 15.47
N GLY B 206 22.39 -36.04 15.26
CA GLY B 206 23.60 -35.62 14.61
C GLY B 206 23.59 -35.76 13.10
N ASN B 207 22.51 -36.26 12.51
CA ASN B 207 22.44 -36.38 11.07
C ASN B 207 22.04 -35.04 10.44
N SER B 208 22.45 -34.86 9.19
CA SER B 208 22.03 -33.68 8.44
C SER B 208 20.54 -33.81 8.09
N VAL B 209 19.77 -32.76 8.42
CA VAL B 209 18.34 -32.76 8.17
C VAL B 209 17.98 -31.48 7.44
N TYR B 210 16.82 -31.51 6.77
CA TYR B 210 16.25 -30.32 6.17
C TYR B 210 14.75 -30.51 5.96
N VAL B 211 14.10 -29.38 5.69
CA VAL B 211 12.70 -29.34 5.27
C VAL B 211 12.63 -28.54 3.98
N GLY B 212 11.53 -28.72 3.28
CA GLY B 212 11.27 -27.95 2.08
C GLY B 212 9.80 -27.56 1.99
N ILE B 213 9.58 -26.36 1.44
CA ILE B 213 8.25 -25.87 1.07
C ILE B 213 7.83 -26.52 -0.25
N ALA B 214 6.57 -26.92 -0.34
CA ALA B 214 6.11 -27.63 -1.54
C ALA B 214 4.67 -27.26 -1.84
N LEU B 215 4.25 -27.63 -3.04
CA LEU B 215 2.88 -27.45 -3.52
C LEU B 215 2.19 -28.80 -3.32
N ASN B 216 1.45 -28.92 -2.22
CA ASN B 216 0.80 -30.17 -1.86
C ASN B 216 1.78 -31.33 -1.91
N GLY B 217 2.95 -31.13 -1.27
CA GLY B 217 3.97 -32.14 -1.19
C GLY B 217 4.90 -32.22 -2.38
N ASP B 218 4.58 -31.53 -3.47
CA ASP B 218 5.38 -31.57 -4.70
C ASP B 218 6.38 -30.41 -4.65
N ARG B 219 7.62 -30.72 -4.28
CA ARG B 219 8.66 -29.69 -4.20
C ARG B 219 9.01 -29.14 -5.59
N THR B 220 9.11 -30.02 -6.59
CA THR B 220 9.58 -29.60 -7.91
C THR B 220 8.62 -28.62 -8.56
N ALA B 221 7.31 -28.74 -8.29
CA ALA B 221 6.35 -27.83 -8.91
C ALA B 221 6.61 -26.37 -8.53
N LEU B 222 7.26 -26.13 -7.39
CA LEU B 222 7.68 -24.78 -7.02
C LEU B 222 9.13 -24.50 -7.43
N GLU B 223 10.03 -25.42 -7.13
CA GLU B 223 11.45 -25.15 -7.25
C GLU B 223 11.89 -24.96 -8.70
N SER B 224 11.25 -25.66 -9.64
CA SER B 224 11.70 -25.64 -11.03
C SER B 224 11.21 -24.42 -11.81
N ARG B 225 10.51 -23.49 -11.18
CA ARG B 225 9.97 -22.35 -11.91
C ARG B 225 11.03 -21.25 -12.08
N ASN B 226 11.07 -20.64 -13.27
CA ASN B 226 12.07 -19.59 -13.42
C ASN B 226 11.60 -18.22 -12.91
N ASP B 227 10.39 -18.11 -12.35
CA ASP B 227 9.87 -16.86 -11.83
C ASP B 227 9.74 -16.87 -10.30
N VAL B 228 10.44 -17.77 -9.60
CA VAL B 228 10.35 -17.83 -8.15
C VAL B 228 11.72 -18.02 -7.53
N LEU B 229 11.82 -17.64 -6.26
CA LEU B 229 12.89 -18.08 -5.39
C LEU B 229 12.42 -19.30 -4.63
N TRP B 230 13.26 -20.34 -4.59
CA TRP B 230 13.05 -21.53 -3.76
C TRP B 230 14.40 -21.97 -3.25
N ASN B 231 14.55 -22.11 -1.93
CA ASN B 231 15.80 -22.62 -1.38
C ASN B 231 15.53 -23.39 -0.09
N HIS B 232 16.58 -24.02 0.44
CA HIS B 232 16.52 -24.69 1.73
C HIS B 232 17.95 -24.94 2.21
N SER B 233 18.13 -24.97 3.53
CA SER B 233 19.43 -25.27 4.13
C SER B 233 19.38 -26.64 4.80
N HIS B 234 20.58 -27.15 5.16
CA HIS B 234 20.75 -28.33 6.00
C HIS B 234 21.24 -27.87 7.36
N THR B 235 20.93 -28.66 8.38
CA THR B 235 21.49 -28.42 9.70
C THR B 235 21.55 -29.74 10.45
N ALA B 236 22.35 -29.75 11.51
CA ALA B 236 22.42 -30.95 12.34
C ALA B 236 22.44 -30.65 13.84
N TYR B 237 22.89 -29.48 14.27
CA TYR B 237 22.97 -29.20 15.70
C TYR B 237 21.59 -29.28 16.35
N SER B 238 21.51 -29.96 17.50
CA SER B 238 20.24 -30.11 18.20
C SER B 238 19.62 -28.75 18.51
N GLY B 239 18.38 -28.56 18.07
CA GLY B 239 17.66 -27.32 18.31
C GLY B 239 17.96 -26.21 17.33
N SER B 240 18.89 -26.47 16.40
CA SER B 240 19.19 -25.50 15.33
C SER B 240 18.08 -25.61 14.28
N TYR B 241 17.90 -24.55 13.48
CA TYR B 241 16.77 -24.52 12.51
C TYR B 241 17.21 -24.85 11.10
N THR B 242 16.52 -25.79 10.44
CA THR B 242 16.76 -26.00 9.00
C THR B 242 15.71 -25.12 8.33
N GLU B 243 16.09 -24.32 7.32
CA GLU B 243 15.08 -23.37 6.79
C GLU B 243 14.83 -23.55 5.30
N SER B 244 13.62 -23.26 4.85
CA SER B 244 13.28 -23.27 3.43
C SER B 244 12.52 -22.00 3.11
N ASN B 245 12.76 -21.44 1.93
CA ASN B 245 12.20 -20.15 1.57
C ASN B 245 11.63 -20.21 0.17
N PHE B 246 10.54 -19.49 -0.04
CA PHE B 246 9.92 -19.34 -1.34
C PHE B 246 9.46 -17.89 -1.51
N MET B 247 9.61 -17.37 -2.72
N MET B 247 9.56 -17.39 -2.73
CA MET B 247 9.00 -16.08 -3.03
CA MET B 247 9.05 -16.07 -3.07
C MET B 247 8.56 -16.09 -4.49
C MET B 247 8.58 -16.09 -4.51
N GLY B 248 7.31 -15.75 -4.74
CA GLY B 248 6.77 -15.82 -6.07
C GLY B 248 5.26 -15.93 -6.09
N THR B 249 4.72 -15.93 -7.31
CA THR B 249 3.28 -16.00 -7.48
C THR B 249 2.76 -17.42 -7.23
N LEU B 250 1.55 -17.49 -6.69
CA LEU B 250 0.82 -18.72 -6.50
C LEU B 250 -0.60 -18.50 -6.97
N SER B 251 -1.28 -19.61 -7.25
CA SER B 251 -2.63 -19.61 -7.81
C SER B 251 -3.65 -19.97 -6.74
N ALA B 252 -4.86 -19.44 -6.91
CA ALA B 252 -5.99 -19.86 -6.10
C ALA B 252 -6.13 -21.38 -6.12
N ASN B 253 -6.43 -21.94 -4.97
CA ASN B 253 -6.61 -23.37 -4.74
C ASN B 253 -5.28 -24.10 -4.56
N ASP B 254 -4.14 -23.41 -4.59
CA ASP B 254 -2.88 -24.06 -4.26
C ASP B 254 -2.83 -24.41 -2.76
N LEU B 255 -2.32 -25.59 -2.44
CA LEU B 255 -2.11 -25.98 -1.05
C LEU B 255 -0.60 -25.98 -0.77
N ILE B 256 -0.15 -25.05 0.06
CA ILE B 256 1.27 -24.91 0.38
C ILE B 256 1.58 -25.75 1.62
N THR B 257 2.55 -26.63 1.50
CA THR B 257 2.96 -27.52 2.58
C THR B 257 4.43 -27.30 2.87
N CYS B 258 4.90 -27.86 3.99
CA CYS B 258 6.32 -27.85 4.29
C CYS B 258 6.63 -29.04 5.15
N GLY B 259 7.76 -29.69 4.89
CA GLY B 259 8.11 -30.81 5.74
C GLY B 259 9.41 -31.46 5.32
N ALA B 260 9.73 -32.56 6.00
CA ALA B 260 10.92 -33.36 5.68
C ALA B 260 10.76 -34.01 4.31
N PRO B 261 11.88 -34.26 3.61
CA PRO B 261 11.79 -34.82 2.24
C PRO B 261 11.46 -36.30 2.19
N VAL B 262 11.60 -37.05 3.27
CA VAL B 262 11.31 -38.48 3.29
C VAL B 262 11.06 -38.89 4.73
N ASN B 263 10.31 -40.00 4.91
CA ASN B 263 9.91 -40.37 6.26
C ASN B 263 11.11 -40.67 7.15
N THR B 264 12.18 -41.23 6.58
CA THR B 264 13.30 -41.62 7.44
C THR B 264 14.01 -40.41 8.05
N MET B 265 14.04 -39.27 7.34
CA MET B 265 14.66 -38.08 7.91
C MET B 265 13.77 -37.44 8.96
N ALA B 266 12.45 -37.60 8.84
CA ALA B 266 11.52 -37.04 9.81
C ALA B 266 11.86 -37.51 11.22
N ALA B 267 12.35 -38.75 11.35
CA ALA B 267 12.74 -39.25 12.68
C ALA B 267 13.84 -38.42 13.31
N ASP B 268 14.60 -37.66 12.50
CA ASP B 268 15.70 -36.87 13.01
C ASP B 268 15.34 -35.40 13.20
N LEU B 269 14.10 -35.02 12.93
CA LEU B 269 13.59 -33.67 13.18
C LEU B 269 12.73 -33.66 14.44
N VAL B 270 12.59 -32.48 15.05
CA VAL B 270 11.76 -32.36 16.26
C VAL B 270 10.31 -32.20 15.85
N TYR B 271 9.45 -33.12 16.29
CA TYR B 271 8.01 -32.99 16.14
C TYR B 271 7.39 -32.86 17.53
N ALA B 272 6.85 -31.68 17.83
CA ALA B 272 6.16 -31.43 19.09
C ALA B 272 5.33 -30.15 18.93
N VAL B 273 4.45 -29.93 19.89
CA VAL B 273 3.43 -28.87 19.79
C VAL B 273 4.00 -27.45 19.80
N PRO B 274 4.95 -27.12 20.68
CA PRO B 274 5.39 -25.72 20.79
C PRO B 274 5.92 -25.17 19.47
N ALA B 275 5.50 -23.93 19.15
CA ALA B 275 5.83 -23.35 17.84
C ALA B 275 7.33 -23.17 17.65
N TYR B 276 8.11 -23.02 18.72
CA TYR B 276 9.56 -22.87 18.48
C TYR B 276 10.16 -24.12 17.84
N ASN B 277 9.45 -25.26 17.85
CA ASN B 277 9.96 -26.45 17.18
C ASN B 277 9.86 -26.34 15.67
N GLY B 278 8.93 -25.52 15.17
CA GLY B 278 8.82 -25.33 13.73
C GLY B 278 7.63 -24.47 13.36
N THR B 279 7.78 -23.67 12.32
CA THR B 279 6.66 -22.84 11.87
C THR B 279 6.74 -22.68 10.35
N MET B 280 5.61 -22.34 9.77
CA MET B 280 5.59 -21.83 8.40
C MET B 280 4.87 -20.49 8.41
N GLN B 281 5.46 -19.51 7.73
CA GLN B 281 4.87 -18.18 7.63
C GLN B 281 4.70 -17.83 6.18
N ILE B 282 3.53 -17.28 5.84
CA ILE B 282 3.16 -16.91 4.47
C ILE B 282 2.65 -15.47 4.49
N LYS B 283 3.27 -14.59 3.72
CA LYS B 283 2.83 -13.21 3.61
C LYS B 283 2.46 -12.92 2.16
N ARG B 284 1.27 -12.35 1.95
CA ARG B 284 1.00 -11.83 0.62
C ARG B 284 1.80 -10.54 0.42
N VAL B 285 2.53 -10.47 -0.69
CA VAL B 285 3.45 -9.37 -0.94
C VAL B 285 2.81 -8.23 -1.76
N ASP B 286 1.87 -8.55 -2.62
CA ASP B 286 1.23 -7.56 -3.48
C ASP B 286 -0.26 -7.51 -3.16
N ASP C 31 -33.43 22.78 -24.11
CA ASP C 31 -33.65 23.62 -22.95
C ASP C 31 -32.34 23.76 -22.13
N ASP C 32 -31.22 23.81 -22.83
CA ASP C 32 -29.95 24.00 -22.15
C ASP C 32 -29.87 25.38 -21.53
N LEU C 33 -28.92 25.53 -20.61
CA LEU C 33 -28.62 26.80 -19.97
C LEU C 33 -27.17 27.13 -20.27
N ASN C 34 -26.95 28.15 -21.09
CA ASN C 34 -25.60 28.52 -21.50
C ASN C 34 -25.19 29.81 -20.80
N ILE C 35 -23.96 29.81 -20.28
CA ILE C 35 -23.34 31.00 -19.71
C ILE C 35 -22.07 31.24 -20.52
N ARG C 36 -22.08 32.27 -21.34
CA ARG C 36 -20.99 32.60 -22.25
C ARG C 36 -20.31 33.87 -21.79
N THR C 37 -18.98 33.84 -21.70
CA THR C 37 -18.21 34.99 -21.23
C THR C 37 -17.00 35.23 -22.13
N TYR C 38 -16.92 36.43 -22.69
CA TYR C 38 -15.76 36.89 -23.46
C TYR C 38 -14.98 37.90 -22.64
N GLY C 39 -13.68 37.71 -22.53
CA GLY C 39 -12.85 38.71 -21.88
C GLY C 39 -11.57 38.11 -21.34
N ALA C 40 -10.67 39.01 -20.94
CA ALA C 40 -9.34 38.60 -20.47
C ALA C 40 -9.37 38.06 -19.05
N THR C 41 -10.24 38.58 -18.19
CA THR C 41 -10.30 38.15 -16.81
C THR C 41 -11.68 37.70 -16.36
N GLU C 42 -12.72 37.94 -17.15
N GLU C 42 -12.72 37.89 -17.18
CA GLU C 42 -14.04 37.47 -16.80
CA GLU C 42 -14.07 37.51 -16.80
C GLU C 42 -14.10 35.95 -16.84
C GLU C 42 -14.32 36.03 -17.09
N THR C 43 -15.14 35.40 -16.24
CA THR C 43 -15.44 33.98 -16.38
C THR C 43 -16.92 33.76 -16.10
N SER C 44 -17.43 32.62 -16.58
CA SER C 44 -18.82 32.25 -16.33
C SER C 44 -18.94 31.53 -15.00
N SER C 45 -19.99 31.86 -14.24
CA SER C 45 -20.22 31.28 -12.92
C SER C 45 -21.68 30.92 -12.78
N LEU C 46 -21.97 29.71 -12.30
CA LEU C 46 -23.23 29.40 -11.63
C LEU C 46 -22.98 29.57 -10.13
N ILE C 47 -23.75 30.45 -9.49
CA ILE C 47 -23.51 30.79 -8.09
C ILE C 47 -24.77 30.46 -7.28
N MET C 48 -24.62 29.61 -6.29
CA MET C 48 -25.70 29.22 -5.38
C MET C 48 -25.36 29.76 -4.01
N LEU C 49 -26.24 30.60 -3.48
CA LEU C 49 -26.02 31.29 -2.20
C LEU C 49 -27.06 30.83 -1.20
N ARG C 50 -26.64 30.69 0.06
CA ARG C 50 -27.54 30.26 1.13
C ARG C 50 -27.38 31.17 2.34
N ALA C 51 -28.50 31.66 2.85
CA ALA C 51 -28.56 32.28 4.17
C ALA C 51 -29.79 31.74 4.89
N ARG C 52 -29.78 31.90 6.22
CA ARG C 52 -30.99 31.76 7.00
C ARG C 52 -31.64 33.13 7.11
N GLY C 53 -32.82 33.20 7.71
CA GLY C 53 -33.53 34.46 7.80
C GLY C 53 -34.21 34.84 6.49
N THR C 54 -34.26 36.15 6.24
CA THR C 54 -34.91 36.75 5.08
C THR C 54 -33.93 37.70 4.42
N ALA C 55 -34.33 38.30 3.29
CA ALA C 55 -33.42 39.18 2.56
C ALA C 55 -33.04 40.41 3.38
N SER C 56 -34.00 40.99 4.10
CA SER C 56 -33.74 42.20 4.87
C SER C 56 -33.19 41.92 6.27
N ALA C 57 -33.26 40.67 6.71
CA ALA C 57 -32.83 40.21 8.03
C ALA C 57 -32.17 38.84 7.88
N PRO C 58 -31.06 38.76 7.15
CA PRO C 58 -30.40 37.47 6.95
C PRO C 58 -29.77 36.96 8.24
N ALA C 59 -29.53 35.66 8.26
CA ALA C 59 -28.88 35.01 9.37
C ALA C 59 -27.84 34.05 8.83
N ALA C 60 -26.89 33.71 9.68
CA ALA C 60 -25.73 32.94 9.27
C ALA C 60 -26.08 31.47 9.03
N VAL C 61 -25.32 30.87 8.13
CA VAL C 61 -25.46 29.45 7.85
C VAL C 61 -25.07 28.64 9.09
N GLN C 62 -25.79 27.55 9.33
CA GLN C 62 -25.54 26.66 10.46
C GLN C 62 -25.01 25.29 9.99
N THR C 63 -24.29 24.63 10.88
CA THR C 63 -23.79 23.29 10.60
C THR C 63 -24.89 22.39 10.05
N GLY C 64 -24.61 21.74 8.92
CA GLY C 64 -25.56 20.82 8.34
C GLY C 64 -26.46 21.42 7.27
N ASP C 65 -26.51 22.76 7.20
CA ASP C 65 -27.28 23.42 6.16
C ASP C 65 -26.67 23.10 4.80
N ARG C 66 -27.53 22.90 3.80
CA ARG C 66 -27.04 22.75 2.43
C ARG C 66 -26.87 24.14 1.82
N LEU C 67 -25.65 24.44 1.34
CA LEU C 67 -25.40 25.70 0.62
C LEU C 67 -26.03 25.66 -0.77
N GLY C 68 -25.99 24.51 -1.42
CA GLY C 68 -26.63 24.33 -2.71
C GLY C 68 -26.30 22.94 -3.21
N GLY C 69 -26.89 22.61 -4.36
CA GLY C 69 -26.59 21.33 -4.97
C GLY C 69 -26.88 21.34 -6.46
N VAL C 70 -26.16 20.49 -7.18
CA VAL C 70 -26.51 20.13 -8.55
C VAL C 70 -27.14 18.75 -8.49
N LEU C 71 -28.42 18.67 -8.88
CA LEU C 71 -29.22 17.46 -8.71
C LEU C 71 -29.65 16.94 -10.07
N PHE C 72 -29.54 15.62 -10.25
CA PHE C 72 -29.96 14.95 -11.47
C PHE C 72 -31.14 14.04 -11.15
N ARG C 73 -32.14 14.06 -12.04
N ARG C 73 -32.14 14.06 -12.04
CA ARG C 73 -33.32 13.23 -11.86
CA ARG C 73 -33.33 13.24 -11.87
C ARG C 73 -33.70 12.61 -13.21
C ARG C 73 -33.70 12.61 -13.21
N GLY C 74 -34.17 11.38 -13.15
CA GLY C 74 -34.51 10.65 -14.37
C GLY C 74 -35.85 9.95 -14.27
N TRP C 75 -36.61 10.01 -15.37
CA TRP C 75 -37.92 9.35 -15.44
C TRP C 75 -37.74 7.84 -15.55
N ASN C 76 -38.42 7.10 -14.66
CA ASN C 76 -38.38 5.65 -14.71
C ASN C 76 -39.69 5.06 -15.23
N GLY C 77 -40.61 5.90 -15.70
CA GLY C 77 -41.93 5.46 -16.11
C GLY C 77 -43.02 5.83 -15.12
N THR C 78 -42.68 6.05 -13.86
CA THR C 78 -43.63 6.43 -12.82
C THR C 78 -43.32 7.77 -12.16
N ALA C 79 -42.05 8.08 -11.93
CA ALA C 79 -41.67 9.27 -11.19
C ALA C 79 -40.28 9.73 -11.60
N TRP C 80 -39.90 10.90 -11.09
CA TRP C 80 -38.57 11.45 -11.28
C TRP C 80 -37.70 10.91 -10.16
N MET C 81 -36.75 10.05 -10.49
CA MET C 81 -35.94 9.36 -9.50
C MET C 81 -34.59 10.05 -9.35
N GLY C 82 -34.09 10.03 -8.11
CA GLY C 82 -32.75 10.52 -7.83
C GLY C 82 -31.73 9.82 -8.70
N SER C 83 -30.95 10.60 -9.43
CA SER C 83 -29.97 10.08 -10.38
C SER C 83 -28.61 10.71 -10.14
N GLY C 84 -28.27 10.93 -8.88
CA GLY C 84 -27.00 11.53 -8.52
C GLY C 84 -27.15 12.97 -8.08
N GLN C 85 -26.17 13.43 -7.31
CA GLN C 85 -26.18 14.84 -6.94
C GLN C 85 -24.80 15.23 -6.42
N ILE C 86 -24.53 16.53 -6.49
CA ILE C 86 -23.29 17.11 -6.01
C ILE C 86 -23.70 18.22 -5.06
N LEU C 87 -23.36 18.05 -3.78
CA LEU C 87 -23.85 18.93 -2.72
C LEU C 87 -22.69 19.63 -2.03
N SER C 88 -22.97 20.83 -1.54
CA SER C 88 -22.06 21.54 -0.64
C SER C 88 -22.82 21.73 0.67
N VAL C 89 -22.23 21.30 1.78
CA VAL C 89 -22.91 21.26 3.06
C VAL C 89 -22.04 21.87 4.14
N ALA C 90 -22.63 22.68 5.00
CA ALA C 90 -21.84 23.34 6.03
C ALA C 90 -21.43 22.36 7.13
N GLU C 91 -20.18 22.45 7.56
CA GLU C 91 -19.68 21.64 8.65
C GLU C 91 -19.38 22.44 9.91
N GLU C 92 -19.66 23.74 9.90
CA GLU C 92 -19.50 24.60 11.06
C GLU C 92 -20.50 25.73 10.95
N ASN C 93 -20.88 26.30 12.08
CA ASN C 93 -21.72 27.49 12.06
C ASN C 93 -20.88 28.65 11.53
N PHE C 94 -21.41 29.40 10.56
CA PHE C 94 -20.57 30.33 9.82
C PHE C 94 -20.16 31.55 10.63
N THR C 95 -20.84 31.85 11.73
CA THR C 95 -20.36 32.91 12.61
C THR C 95 -19.04 32.52 13.27
N THR C 96 -18.78 31.23 13.41
CA THR C 96 -17.51 30.73 13.95
C THR C 96 -16.46 30.60 12.85
N ALA C 97 -16.78 29.88 11.77
CA ALA C 97 -15.84 29.65 10.69
C ALA C 97 -16.61 29.13 9.48
N VAL C 98 -16.14 29.51 8.30
CA VAL C 98 -16.71 29.00 7.05
C VAL C 98 -16.03 27.66 6.77
N LYS C 99 -16.75 26.57 7.03
N LYS C 99 -16.74 26.56 7.04
CA LYS C 99 -16.24 25.22 6.78
CA LYS C 99 -16.24 25.21 6.79
C LYS C 99 -17.34 24.41 6.13
C LYS C 99 -17.34 24.42 6.12
N THR C 100 -17.01 23.77 5.01
CA THR C 100 -18.01 22.99 4.27
C THR C 100 -17.39 21.69 3.77
N ASN C 101 -18.26 20.78 3.36
CA ASN C 101 -17.84 19.62 2.60
C ASN C 101 -18.52 19.62 1.25
N LEU C 102 -17.92 18.88 0.33
CA LEU C 102 -18.53 18.52 -0.94
C LEU C 102 -18.91 17.04 -0.89
N GLN C 103 -20.09 16.70 -1.40
CA GLN C 103 -20.56 15.32 -1.42
C GLN C 103 -20.98 14.94 -2.83
N PHE C 104 -20.61 13.72 -3.23
CA PHE C 104 -20.94 13.19 -4.54
C PHE C 104 -21.76 11.92 -4.33
N HIS C 105 -23.00 11.95 -4.79
CA HIS C 105 -23.98 10.88 -4.66
C HIS C 105 -24.31 10.34 -6.04
N VAL C 106 -24.56 9.03 -6.11
CA VAL C 106 -24.98 8.36 -7.33
C VAL C 106 -26.33 7.70 -7.11
N GLY C 107 -27.07 7.51 -8.21
CA GLY C 107 -28.28 6.72 -8.16
C GLY C 107 -27.92 5.27 -7.89
N GLY C 108 -28.47 4.72 -6.82
CA GLY C 108 -28.08 3.40 -6.36
C GLY C 108 -27.51 3.46 -4.95
N ALA C 109 -26.20 3.68 -4.81
CA ALA C 109 -25.55 3.64 -3.51
C ALA C 109 -25.83 4.88 -2.67
N GLY C 110 -26.21 6.01 -3.29
CA GLY C 110 -26.35 7.23 -2.53
C GLY C 110 -25.03 7.96 -2.42
N GLU C 111 -24.74 8.55 -1.27
CA GLU C 111 -23.46 9.24 -1.10
C GLU C 111 -22.31 8.27 -1.31
N ALA C 112 -21.43 8.60 -2.25
CA ALA C 112 -20.28 7.76 -2.58
C ALA C 112 -18.96 8.37 -2.17
N MET C 113 -18.85 9.70 -2.22
CA MET C 113 -17.58 10.33 -1.89
C MET C 113 -17.85 11.64 -1.17
N ARG C 114 -17.02 11.94 -0.18
CA ARG C 114 -17.13 13.18 0.58
C ARG C 114 -15.76 13.82 0.70
N ILE C 115 -15.71 15.14 0.52
CA ILE C 115 -14.50 15.92 0.77
C ILE C 115 -14.80 16.88 1.92
N SER C 116 -14.09 16.72 3.03
CA SER C 116 -14.36 17.51 4.22
C SER C 116 -13.67 18.87 4.17
N ASN C 117 -14.02 19.73 5.14
CA ASN C 117 -13.48 21.09 5.19
C ASN C 117 -11.97 21.10 5.41
N THR C 118 -11.44 20.03 5.99
CA THR C 118 -10.01 19.84 6.14
C THR C 118 -9.35 19.39 4.85
N GLY C 119 -10.12 19.09 3.81
CA GLY C 119 -9.57 18.50 2.61
C GLY C 119 -9.52 16.99 2.62
N ASN C 120 -9.87 16.35 3.74
CA ASN C 120 -9.83 14.89 3.80
C ASN C 120 -10.97 14.29 3.00
N VAL C 121 -10.68 13.19 2.30
CA VAL C 121 -11.60 12.56 1.36
C VAL C 121 -11.97 11.18 1.90
N GLY C 122 -13.27 10.88 1.87
CA GLY C 122 -13.78 9.55 2.17
C GLY C 122 -14.51 8.95 0.98
N ILE C 123 -14.19 7.71 0.65
CA ILE C 123 -14.85 6.97 -0.41
C ILE C 123 -15.54 5.78 0.25
N GLY C 124 -16.86 5.79 0.24
CA GLY C 124 -17.65 4.76 0.89
C GLY C 124 -17.81 4.95 2.39
N THR C 125 -17.32 6.07 2.93
CA THR C 125 -17.50 6.38 4.34
C THR C 125 -17.57 7.90 4.47
N THR C 126 -18.30 8.36 5.48
CA THR C 126 -18.28 9.78 5.82
C THR C 126 -17.23 10.11 6.88
N THR C 127 -16.44 9.13 7.33
CA THR C 127 -15.41 9.37 8.33
C THR C 127 -14.12 9.75 7.62
N THR C 128 -13.75 11.03 7.69
CA THR C 128 -12.63 11.55 6.93
C THR C 128 -11.45 11.86 7.85
N THR C 129 -10.99 10.84 8.57
CA THR C 129 -9.92 11.02 9.55
C THR C 129 -8.60 11.33 8.87
N GLU C 130 -8.22 10.55 7.86
CA GLU C 130 -6.98 10.76 7.15
C GLU C 130 -7.28 11.46 5.83
N LYS C 131 -6.22 11.82 5.12
CA LYS C 131 -6.37 12.56 3.88
C LYS C 131 -7.20 11.78 2.87
N LEU C 132 -7.04 10.45 2.84
CA LEU C 132 -7.87 9.57 2.04
C LEU C 132 -8.26 8.37 2.89
N ASN C 133 -9.55 8.05 2.86
CA ASN C 133 -10.16 6.99 3.65
C ASN C 133 -11.04 6.18 2.71
N VAL C 134 -10.75 4.89 2.57
CA VAL C 134 -11.51 4.01 1.68
C VAL C 134 -12.14 2.92 2.52
N GLN C 135 -13.45 2.79 2.44
CA GLN C 135 -14.17 1.71 3.10
C GLN C 135 -14.43 0.63 2.05
N GLY C 136 -13.50 -0.31 1.98
CA GLY C 136 -13.49 -1.34 0.96
C GLY C 136 -12.04 -1.65 0.59
N ASN C 137 -11.88 -2.34 -0.54
CA ASN C 137 -10.56 -2.65 -1.05
C ASN C 137 -10.10 -1.61 -2.07
N VAL C 138 -8.80 -1.62 -2.35
CA VAL C 138 -8.17 -0.75 -3.33
C VAL C 138 -7.37 -1.62 -4.31
N ALA C 139 -7.67 -1.51 -5.59
CA ALA C 139 -6.95 -2.21 -6.65
C ALA C 139 -6.14 -1.19 -7.47
N VAL C 140 -4.83 -1.38 -7.53
CA VAL C 140 -3.91 -0.48 -8.22
C VAL C 140 -3.22 -1.31 -9.30
N SER C 141 -3.32 -0.89 -10.57
CA SER C 141 -2.66 -1.64 -11.64
C SER C 141 -1.14 -1.46 -11.63
N GLY C 142 -0.65 -0.32 -11.16
CA GLY C 142 0.77 -0.04 -11.04
C GLY C 142 1.27 -0.26 -9.63
N GLU C 143 2.22 0.58 -9.21
CA GLU C 143 2.84 0.40 -7.89
C GLU C 143 2.44 1.53 -6.96
N ILE C 144 2.59 1.29 -5.67
CA ILE C 144 2.29 2.26 -4.62
C ILE C 144 3.58 2.58 -3.89
N THR C 145 3.86 3.87 -3.70
CA THR C 145 4.91 4.34 -2.82
C THR C 145 4.31 5.12 -1.66
N SER C 146 4.94 4.99 -0.51
CA SER C 146 4.48 5.65 0.70
C SER C 146 5.58 5.51 1.73
N VAL C 147 5.40 6.15 2.87
CA VAL C 147 6.33 5.99 3.98
C VAL C 147 5.94 4.73 4.73
N ARG C 148 6.93 3.92 5.09
N ARG C 148 6.92 3.88 5.01
CA ARG C 148 6.72 2.66 5.78
CA ARG C 148 6.73 2.66 5.79
C ARG C 148 7.35 2.72 7.16
C ARG C 148 7.31 2.86 7.18
N SER C 149 6.59 2.39 8.21
CA SER C 149 7.16 2.33 9.56
C SER C 149 8.01 1.09 9.69
N TRP C 150 9.27 1.30 10.09
CA TRP C 150 10.16 0.21 10.45
C TRP C 150 11.20 0.72 11.44
N GLY C 151 11.81 -0.21 12.16
CA GLY C 151 12.77 0.16 13.19
C GLY C 151 13.74 -0.97 13.45
N ILE C 152 14.91 -0.62 13.97
CA ILE C 152 15.96 -1.60 14.23
C ILE C 152 16.69 -1.23 15.50
N LYS C 153 17.20 -2.26 16.17
CA LYS C 153 18.23 -2.12 17.19
C LYS C 153 19.47 -2.84 16.71
N ARG C 154 20.64 -2.30 17.08
N ARG C 154 20.64 -2.30 17.10
CA ARG C 154 21.90 -2.88 16.64
CA ARG C 154 21.93 -2.79 16.65
C ARG C 154 22.92 -2.87 17.78
C ARG C 154 22.91 -2.86 17.81
N GLY C 155 23.68 -3.96 17.86
CA GLY C 155 24.80 -4.09 18.76
C GLY C 155 24.41 -4.40 20.20
N PRO C 156 24.18 -5.68 20.50
CA PRO C 156 23.89 -6.04 21.89
C PRO C 156 25.11 -5.88 22.78
N THR C 157 25.09 -4.91 23.69
CA THR C 157 26.29 -4.62 24.49
C THR C 157 26.21 -5.12 25.92
N SER C 158 25.04 -5.42 26.46
CA SER C 158 25.04 -6.10 27.76
C SER C 158 23.70 -6.77 27.96
N PHE C 159 23.65 -7.63 28.99
CA PHE C 159 22.47 -8.36 29.39
C PHE C 159 21.82 -7.59 30.52
N SER C 160 20.63 -7.03 30.27
CA SER C 160 19.93 -6.25 31.27
C SER C 160 19.04 -7.13 32.15
N ALA C 161 18.25 -7.99 31.53
CA ALA C 161 17.36 -8.90 32.24
C ALA C 161 17.01 -10.01 31.26
N ASN C 162 16.40 -11.08 31.78
CA ASN C 162 15.98 -12.18 30.91
C ASN C 162 15.21 -11.63 29.70
N TYR C 163 15.64 -12.03 28.51
CA TYR C 163 15.03 -11.61 27.25
C TYR C 163 15.14 -10.11 27.04
N ILE C 164 16.09 -9.45 27.72
CA ILE C 164 16.28 -8.02 27.52
C ILE C 164 17.77 -7.74 27.38
N ASN C 165 18.24 -7.64 26.14
CA ASN C 165 19.53 -7.05 25.86
C ASN C 165 19.45 -5.53 25.93
N VAL C 166 20.58 -4.92 26.29
CA VAL C 166 20.82 -3.50 26.03
C VAL C 166 21.45 -3.40 24.64
N TRP C 167 20.94 -2.51 23.82
CA TRP C 167 21.43 -2.37 22.45
C TRP C 167 22.18 -1.05 22.30
N ASN C 168 23.23 -1.04 21.48
CA ASN C 168 24.10 0.15 21.36
C ASN C 168 23.39 1.26 20.60
N SER C 169 22.61 0.93 19.58
CA SER C 169 21.89 2.03 18.94
C SER C 169 20.59 1.53 18.36
N GLY C 170 19.72 2.49 18.01
CA GLY C 170 18.48 2.18 17.33
C GLY C 170 18.24 3.17 16.22
N TYR C 171 17.30 2.84 15.34
CA TYR C 171 16.94 3.72 14.25
C TYR C 171 15.52 3.37 13.83
N HIS C 172 14.77 4.35 13.33
CA HIS C 172 13.44 4.02 12.86
C HIS C 172 12.96 5.07 11.86
N VAL C 173 11.95 4.68 11.10
CA VAL C 173 11.25 5.52 10.13
C VAL C 173 9.77 5.39 10.37
N GLY C 174 9.05 6.50 10.25
CA GLY C 174 7.61 6.48 10.35
C GLY C 174 7.15 6.79 11.76
N SER C 175 5.86 6.54 11.99
CA SER C 175 5.23 6.94 13.23
C SER C 175 4.74 5.79 14.08
N SER C 176 4.94 4.54 13.67
CA SER C 176 4.39 3.44 14.43
C SER C 176 5.35 2.84 15.45
N ILE C 177 6.67 3.04 15.28
CA ILE C 177 7.68 2.37 16.08
C ILE C 177 8.73 3.38 16.54
N ASP C 178 9.18 3.25 17.79
CA ASP C 178 10.24 4.11 18.33
C ASP C 178 11.36 3.21 18.86
N CYS C 179 12.46 3.14 18.12
CA CYS C 179 13.60 2.33 18.50
C CYS C 179 14.75 3.14 19.07
N THR C 180 14.54 4.44 19.34
CA THR C 180 15.62 5.27 19.83
C THR C 180 15.42 5.77 21.26
N THR C 181 14.19 5.76 21.78
CA THR C 181 14.01 6.34 23.11
C THR C 181 14.63 5.47 24.19
N SER C 182 14.44 4.14 24.10
CA SER C 182 14.87 3.21 25.14
C SER C 182 16.01 2.34 24.60
N THR C 183 17.07 2.17 25.38
CA THR C 183 18.16 1.32 24.91
C THR C 183 17.80 -0.17 24.96
N THR C 184 16.72 -0.54 25.65
CA THR C 184 16.42 -1.95 25.85
C THR C 184 15.29 -2.45 24.97
N GLY C 185 14.82 -1.64 24.02
CA GLY C 185 13.80 -2.17 23.14
C GLY C 185 13.22 -1.13 22.20
N CYS C 186 12.24 -1.60 21.43
CA CYS C 186 11.47 -0.75 20.54
C CYS C 186 10.06 -0.60 21.10
N ARG C 187 9.60 0.64 21.18
CA ARG C 187 8.28 0.91 21.71
C ARG C 187 7.30 1.00 20.54
N ILE C 188 6.25 0.17 20.58
CA ILE C 188 5.15 0.31 19.64
C ILE C 188 4.36 1.55 19.98
N LEU C 189 4.18 2.43 18.99
CA LEU C 189 3.43 3.66 19.21
C LEU C 189 1.99 3.59 18.75
N LYS C 190 1.65 2.63 17.88
CA LYS C 190 0.30 2.50 17.32
C LYS C 190 -0.08 1.04 17.23
N ALA C 191 -1.30 0.72 17.70
CA ALA C 191 -1.82 -0.64 17.53
C ALA C 191 -1.69 -1.06 16.08
N GLY C 192 -1.28 -2.30 15.87
CA GLY C 192 -1.07 -2.75 14.50
C GLY C 192 -0.42 -4.12 14.48
N THR C 193 -0.08 -4.56 13.27
CA THR C 193 0.57 -5.85 13.04
C THR C 193 2.04 -5.64 12.72
N TYR C 194 2.91 -6.41 13.38
CA TYR C 194 4.34 -6.24 13.26
C TYR C 194 5.02 -7.58 13.02
N GLU C 195 6.06 -7.54 12.19
CA GLU C 195 6.92 -8.68 11.91
C GLU C 195 8.30 -8.37 12.48
N ILE C 196 8.83 -9.27 13.31
CA ILE C 196 10.01 -8.96 14.10
C ILE C 196 10.98 -10.13 13.99
N ARG C 197 12.25 -9.83 13.73
CA ARG C 197 13.27 -10.87 13.75
C ARG C 197 14.43 -10.38 14.61
N CYS C 198 14.86 -11.22 15.54
CA CYS C 198 16.02 -10.91 16.36
C CYS C 198 17.09 -11.98 16.17
N VAL C 199 18.32 -11.55 15.98
CA VAL C 199 19.44 -12.49 15.85
C VAL C 199 20.57 -12.06 16.77
N GLN C 200 21.33 -13.06 17.26
CA GLN C 200 22.56 -12.79 17.98
C GLN C 200 23.56 -13.92 17.75
N ARG C 201 24.84 -13.53 17.73
CA ARG C 201 25.93 -14.47 17.50
C ARG C 201 26.25 -15.25 18.77
N ALA C 202 26.50 -16.55 18.60
CA ALA C 202 27.09 -17.33 19.69
C ALA C 202 28.57 -16.99 19.84
N GLY C 203 29.05 -17.08 21.10
CA GLY C 203 30.45 -16.94 21.41
C GLY C 203 31.26 -18.16 21.01
N THR C 204 32.38 -18.38 21.71
CA THR C 204 33.38 -19.39 21.35
C THR C 204 33.33 -20.65 22.19
N SER C 205 32.38 -20.79 23.12
CA SER C 205 32.40 -21.91 24.05
C SER C 205 31.90 -23.22 23.44
N GLY C 206 31.08 -23.16 22.38
CA GLY C 206 30.45 -24.36 21.89
C GLY C 206 29.22 -24.79 22.68
N ASN C 207 28.81 -24.03 23.70
CA ASN C 207 27.58 -24.33 24.42
C ASN C 207 26.36 -23.89 23.63
N SER C 208 25.24 -24.57 23.86
CA SER C 208 23.98 -24.20 23.21
C SER C 208 23.52 -22.85 23.76
N VAL C 209 23.18 -21.93 22.86
CA VAL C 209 22.68 -20.60 23.25
C VAL C 209 21.44 -20.30 22.42
N TYR C 210 20.59 -19.45 22.97
CA TYR C 210 19.50 -18.88 22.19
C TYR C 210 19.10 -17.52 22.74
N VAL C 211 18.35 -16.79 21.93
CA VAL C 211 17.70 -15.56 22.35
C VAL C 211 16.21 -15.67 22.04
N GLY C 212 15.43 -14.80 22.65
CA GLY C 212 14.00 -14.75 22.40
C GLY C 212 13.50 -13.32 22.44
N ILE C 213 12.49 -13.05 21.59
CA ILE C 213 11.74 -11.81 21.58
C ILE C 213 10.71 -11.86 22.73
N ALA C 214 10.53 -10.72 23.40
CA ALA C 214 9.65 -10.70 24.57
C ALA C 214 8.93 -9.36 24.64
N LEU C 215 7.88 -9.32 25.45
CA LEU C 215 7.15 -8.09 25.75
C LEU C 215 7.70 -7.54 27.06
N ASN C 216 8.57 -6.54 26.96
CA ASN C 216 9.24 -6.02 28.15
C ASN C 216 9.86 -7.16 28.96
N GLY C 217 10.55 -8.06 28.26
CA GLY C 217 11.16 -9.17 28.94
C GLY C 217 10.23 -10.32 29.30
N ASP C 218 8.92 -10.22 29.04
CA ASP C 218 7.95 -11.30 29.30
C ASP C 218 7.75 -12.11 28.02
N ARG C 219 8.45 -13.22 27.86
CA ARG C 219 8.34 -14.03 26.65
C ARG C 219 6.97 -14.70 26.53
N THR C 220 6.44 -15.20 27.65
CA THR C 220 5.12 -15.92 27.61
C THR C 220 4.02 -14.98 27.11
N ALA C 221 4.12 -13.68 27.40
CA ALA C 221 3.07 -12.71 27.02
C ALA C 221 2.85 -12.72 25.50
N LEU C 222 3.89 -13.06 24.74
CA LEU C 222 3.77 -13.12 23.27
C LEU C 222 3.62 -14.58 22.85
N GLU C 223 4.46 -15.47 23.39
CA GLU C 223 4.47 -16.85 22.93
C GLU C 223 3.13 -17.55 23.17
N SER C 224 2.41 -17.19 24.23
CA SER C 224 1.20 -17.92 24.57
C SER C 224 -0.04 -17.50 23.77
N ARG C 225 0.06 -16.53 22.87
CA ARG C 225 -1.12 -16.05 22.15
C ARG C 225 -1.43 -16.95 20.96
N ASN C 226 -2.72 -17.17 20.72
N ASN C 226 -2.73 -17.17 20.72
CA ASN C 226 -3.12 -18.01 19.59
CA ASN C 226 -3.18 -17.99 19.61
C ASN C 226 -3.24 -17.24 18.28
C ASN C 226 -3.19 -17.24 18.28
N ASP C 227 -3.03 -15.93 18.29
CA ASP C 227 -3.09 -15.12 17.09
C ASP C 227 -1.71 -14.65 16.61
N VAL C 228 -0.62 -15.24 17.11
CA VAL C 228 0.72 -14.82 16.73
C VAL C 228 1.61 -16.00 16.33
N LEU C 229 2.65 -15.68 15.59
CA LEU C 229 3.81 -16.55 15.44
C LEU C 229 4.87 -16.09 16.43
N TRP C 230 5.40 -17.03 17.21
CA TRP C 230 6.57 -16.79 18.05
C TRP C 230 7.43 -18.04 17.96
N ASN C 231 8.71 -17.87 17.62
CA ASN C 231 9.60 -19.03 17.61
C ASN C 231 11.02 -18.60 17.99
N HIS C 232 11.87 -19.59 18.21
CA HIS C 232 13.29 -19.33 18.42
C HIS C 232 14.07 -20.63 18.19
N SER C 233 15.31 -20.48 17.72
CA SER C 233 16.23 -21.58 17.50
C SER C 233 17.37 -21.56 18.53
N HIS C 234 18.12 -22.67 18.55
CA HIS C 234 19.38 -22.79 19.29
C HIS C 234 20.53 -22.80 18.29
N THR C 235 21.71 -22.41 18.77
CA THR C 235 22.92 -22.54 17.96
C THR C 235 24.11 -22.66 18.90
N ALA C 236 25.23 -23.11 18.35
CA ALA C 236 26.45 -23.19 19.16
C ALA C 236 27.71 -22.77 18.43
N TYR C 237 27.79 -22.91 17.10
CA TYR C 237 29.00 -22.59 16.38
C TYR C 237 29.34 -21.11 16.51
N SER C 238 30.63 -20.82 16.71
CA SER C 238 31.07 -19.45 16.98
C SER C 238 30.72 -18.54 15.81
N GLY C 239 30.06 -17.43 16.11
CA GLY C 239 29.63 -16.52 15.06
C GLY C 239 28.33 -16.88 14.35
N SER C 240 27.77 -18.05 14.58
CA SER C 240 26.48 -18.34 13.97
C SER C 240 25.38 -17.63 14.75
N TYR C 241 24.22 -17.51 14.13
CA TYR C 241 23.08 -16.83 14.74
C TYR C 241 22.15 -17.82 15.44
N THR C 242 21.72 -17.46 16.65
CA THR C 242 20.43 -17.90 17.14
C THR C 242 19.42 -16.82 16.75
N GLU C 243 18.20 -17.24 16.41
CA GLU C 243 17.19 -16.29 15.95
C GLU C 243 15.88 -16.52 16.70
N SER C 244 15.10 -15.44 16.80
CA SER C 244 13.74 -15.48 17.33
C SER C 244 12.88 -14.66 16.38
N ASN C 245 11.66 -15.12 16.13
CA ASN C 245 10.76 -14.45 15.21
C ASN C 245 9.42 -14.25 15.88
N PHE C 246 8.76 -13.16 15.50
CA PHE C 246 7.41 -12.85 15.94
C PHE C 246 6.62 -12.24 14.80
N MET C 247 5.35 -12.58 14.71
N MET C 247 5.34 -12.56 14.75
CA MET C 247 4.47 -11.93 13.75
CA MET C 247 4.45 -11.99 13.74
C MET C 247 3.08 -11.85 14.36
C MET C 247 3.08 -11.85 14.38
N GLY C 248 2.55 -10.64 14.45
CA GLY C 248 1.24 -10.47 15.03
C GLY C 248 1.02 -9.06 15.52
N THR C 249 -0.17 -8.85 16.07
CA THR C 249 -0.58 -7.52 16.50
C THR C 249 0.03 -7.19 17.86
N LEU C 250 0.31 -5.90 18.03
CA LEU C 250 0.85 -5.33 19.25
C LEU C 250 0.07 -4.05 19.55
N SER C 251 0.09 -3.66 20.82
CA SER C 251 -0.66 -2.53 21.34
C SER C 251 0.26 -1.32 21.52
N ALA C 252 -0.34 -0.13 21.45
CA ALA C 252 0.40 1.09 21.73
C ALA C 252 1.02 0.99 23.12
N ASN C 253 2.28 1.42 23.24
CA ASN C 253 3.08 1.44 24.46
C ASN C 253 3.74 0.09 24.78
N ASP C 254 3.47 -0.98 24.01
CA ASP C 254 4.23 -2.21 24.17
C ASP C 254 5.69 -1.93 23.90
N LEU C 255 6.58 -2.45 24.75
CA LEU C 255 8.02 -2.38 24.54
C LEU C 255 8.50 -3.77 24.16
N ILE C 256 8.99 -3.93 22.94
CA ILE C 256 9.48 -5.22 22.49
C ILE C 256 10.97 -5.32 22.81
N THR C 257 11.37 -6.42 23.43
CA THR C 257 12.77 -6.63 23.77
C THR C 257 13.23 -7.95 23.18
N CYS C 258 14.53 -8.21 23.28
CA CYS C 258 15.08 -9.49 22.87
C CYS C 258 16.38 -9.77 23.61
N GLY C 259 16.54 -11.01 24.04
CA GLY C 259 17.82 -11.36 24.62
C GLY C 259 17.85 -12.80 25.07
N ALA C 260 18.93 -13.15 25.79
CA ALA C 260 19.11 -14.50 26.28
C ALA C 260 18.08 -14.80 27.37
N PRO C 261 17.74 -16.07 27.56
CA PRO C 261 16.72 -16.41 28.58
C PRO C 261 17.23 -16.27 30.02
N VAL C 262 18.55 -16.20 30.23
CA VAL C 262 19.11 -16.20 31.59
C VAL C 262 20.55 -15.72 31.51
N ASN C 263 21.07 -15.19 32.63
CA ASN C 263 22.38 -14.53 32.60
C ASN C 263 23.52 -15.50 32.26
N THR C 264 23.47 -16.70 32.84
CA THR C 264 24.54 -17.67 32.60
C THR C 264 24.64 -18.05 31.13
N MET C 265 23.53 -18.05 30.40
CA MET C 265 23.59 -18.26 28.96
C MET C 265 24.10 -17.01 28.25
N ALA C 266 23.74 -15.82 28.74
CA ALA C 266 24.27 -14.59 28.17
C ALA C 266 25.79 -14.61 28.11
N ALA C 267 26.44 -15.25 29.09
CA ALA C 267 27.91 -15.32 29.06
C ALA C 267 28.45 -15.97 27.80
N ASP C 268 27.68 -16.85 27.16
CA ASP C 268 28.13 -17.58 26.00
C ASP C 268 27.70 -16.94 24.68
N LEU C 269 27.09 -15.75 24.73
CA LEU C 269 26.73 -14.98 23.54
C LEU C 269 27.71 -13.82 23.36
N VAL C 270 27.77 -13.29 22.15
CA VAL C 270 28.66 -12.17 21.88
C VAL C 270 27.94 -10.86 22.17
N TYR C 271 28.54 -10.05 23.05
CA TYR C 271 28.06 -8.71 23.35
C TYR C 271 29.14 -7.71 22.91
N ALA C 272 28.84 -6.94 21.87
CA ALA C 272 29.75 -5.95 21.29
C ALA C 272 28.95 -5.07 20.34
N VAL C 273 29.55 -3.98 19.90
CA VAL C 273 28.83 -2.91 19.22
C VAL C 273 28.45 -3.24 17.77
N PRO C 274 29.33 -3.82 16.96
CA PRO C 274 28.98 -4.03 15.53
C PRO C 274 27.66 -4.77 15.38
N ALA C 275 26.85 -4.29 14.43
CA ALA C 275 25.52 -4.84 14.25
C ALA C 275 25.58 -6.31 13.85
N TYR C 276 26.66 -6.73 13.20
CA TYR C 276 26.70 -8.14 12.83
C TYR C 276 26.69 -9.07 14.05
N ASN C 277 27.05 -8.55 15.23
CA ASN C 277 26.95 -9.37 16.45
C ASN C 277 25.50 -9.63 16.85
N GLY C 278 24.58 -8.76 16.46
CA GLY C 278 23.19 -9.00 16.75
C GLY C 278 22.32 -7.81 16.45
N THR C 279 21.10 -8.07 16.00
CA THR C 279 20.19 -7.00 15.64
C THR C 279 18.75 -7.43 15.97
N MET C 280 17.90 -6.41 16.10
N MET C 280 17.89 -6.43 16.08
CA MET C 280 16.45 -6.57 16.06
CA MET C 280 16.46 -6.65 16.03
C MET C 280 15.92 -5.77 14.89
C MET C 280 15.89 -5.77 14.93
N GLN C 281 14.96 -6.33 14.16
CA GLN C 281 14.31 -5.62 13.06
C GLN C 281 12.81 -5.76 13.24
N ILE C 282 12.11 -4.63 13.20
CA ILE C 282 10.66 -4.58 13.35
C ILE C 282 10.10 -3.89 12.12
N LYS C 283 9.14 -4.52 11.46
CA LYS C 283 8.44 -3.94 10.32
C LYS C 283 6.96 -3.88 10.65
N ARG C 284 6.35 -2.73 10.38
CA ARG C 284 4.89 -2.64 10.49
C ARG C 284 4.35 -3.28 9.23
N VAL C 285 3.49 -4.28 9.38
CA VAL C 285 3.03 -5.10 8.26
C VAL C 285 1.78 -4.50 7.61
N ASP C 286 0.90 -3.92 8.41
CA ASP C 286 -0.33 -3.34 7.87
C ASP C 286 -0.41 -1.82 8.08
I IOD D . -14.26 28.34 -1.70
O1 PG4 E . 38.20 -16.55 -9.39
C1 PG4 E . 38.10 -16.65 -7.99
C2 PG4 E . 38.69 -17.92 -7.47
O2 PG4 E . 38.67 -17.93 -6.05
C3 PG4 E . 37.40 -18.27 -5.51
C4 PG4 E . 37.23 -19.75 -5.50
O3 PG4 E . 35.90 -20.07 -5.90
C5 PG4 E . 35.70 -21.46 -6.09
C6 PG4 E . 34.30 -21.71 -6.53
O4 PG4 E . 34.08 -21.12 -7.81
C7 PG4 E . 34.41 -21.98 -8.88
C8 PG4 E . 34.26 -21.27 -10.18
O5 PG4 E . 34.53 -22.10 -11.29
C1 PEG F . -9.94 30.52 -5.86
O1 PEG F . -11.02 31.42 -5.88
C2 PEG F . -9.87 29.69 -7.09
O2 PEG F . -9.12 30.36 -8.09
C3 PEG F . -9.20 29.71 -9.35
C4 PEG F . -8.37 30.42 -10.35
O4 PEG F . -8.93 30.37 -11.64
C1 NAG G . 36.40 -10.58 11.92
C2 NAG G . 35.10 -11.28 12.30
C3 NAG G . 34.12 -11.09 11.16
C4 NAG G . 33.90 -9.61 10.91
C5 NAG G . 35.23 -8.94 10.63
C6 NAG G . 35.09 -7.44 10.54
C7 NAG G . 34.62 -13.29 13.64
C8 NAG G . 34.54 -14.78 13.59
N2 NAG G . 35.23 -12.69 12.61
O1 NAG G . 37.33 -10.76 12.94
O3 NAG G . 32.87 -11.70 11.41
O4 NAG G . 33.02 -9.54 9.81
O5 NAG G . 36.16 -9.21 11.71
O6 NAG G . 34.81 -7.03 9.20
O7 NAG G . 34.17 -12.65 14.60
S SO4 H . 6.42 -6.65 3.35
O1 SO4 H . 5.53 -7.11 2.33
O2 SO4 H . 5.73 -6.58 4.60
O3 SO4 H . 7.50 -7.58 3.46
O4 SO4 H . 6.96 -5.37 3.01
I IOD I . -14.36 17.42 -22.05
C1 PEG J . -5.90 -4.79 -11.50
O1 PEG J . -5.16 -5.73 -10.75
C2 PEG J . -5.89 -3.44 -10.88
O2 PEG J . -6.57 -2.53 -11.74
C3 PEG J . -6.85 -1.29 -11.11
C4 PEG J . -7.25 -0.30 -12.14
O4 PEG J . -8.11 -0.87 -13.11
C1 PEG K . 7.65 -37.66 14.26
O1 PEG K . 6.58 -38.33 14.90
C2 PEG K . 8.60 -38.61 13.60
O2 PEG K . 7.98 -39.16 12.44
C3 PEG K . 8.82 -40.09 11.76
C4 PEG K . 8.25 -40.42 10.43
O4 PEG K . 6.99 -41.05 10.52
C1 NAG L . 20.60 -33.75 -2.71
C2 NAG L . 21.14 -32.71 -1.74
C3 NAG L . 20.00 -31.83 -1.25
C4 NAG L . 19.23 -31.27 -2.41
C5 NAG L . 18.72 -32.39 -3.30
C6 NAG L . 18.01 -31.90 -4.52
C7 NAG L . 23.02 -33.02 -0.18
C8 NAG L . 23.56 -33.92 0.89
N2 NAG L . 21.78 -33.29 -0.58
O1 NAG L . 21.67 -34.46 -3.24
O3 NAG L . 20.49 -30.76 -0.47
O4 NAG L . 18.16 -30.57 -1.80
O5 NAG L . 19.86 -33.16 -3.76
O6 NAG L . 16.67 -32.38 -4.55
O7 NAG L . 23.67 -32.12 -0.66
C1 B3P M . -14.04 -9.60 -6.10
C2 B3P M . -12.73 -9.66 -6.84
C3 B3P M . -14.81 -8.33 -6.33
N1 B3P M . -15.96 -8.23 -5.45
C4 B3P M . -16.65 -6.92 -5.36
C5 B3P M . -17.90 -7.06 -4.47
C6 B3P M . -17.07 -6.44 -6.75
C7 B3P M . -15.71 -5.89 -4.73
N2 B3P M . -11.96 -10.85 -6.46
C8 B3P M . -10.50 -10.84 -6.70
C9 B3P M . -9.95 -12.21 -6.31
C10 B3P M . -9.83 -9.76 -5.84
C11 B3P M . -10.20 -10.55 -8.17
O1 B3P M . -8.53 -12.23 -6.30
O2 B3P M . -9.99 -10.04 -4.46
O3 B3P M . -10.99 -11.34 -9.04
O4 B3P M . -18.61 -8.25 -4.75
O5 B3P M . -17.88 -7.40 -7.41
O6 B3P M . -15.14 -6.39 -3.53
I IOD N . -29.37 10.78 -5.69
C1 PEG O . -6.08 17.31 7.97
O1 PEG O . -6.24 16.14 8.73
C2 PEG O . -4.73 17.37 7.35
O2 PEG O . -4.42 18.71 6.98
C3 PEG O . -3.03 18.89 6.70
C4 PEG O . -2.77 18.66 5.25
O4 PEG O . -3.45 19.61 4.45
C1 NAG P . 14.09 -25.82 27.00
C2 NAG P . 14.52 -25.69 25.53
C3 NAG P . 14.24 -24.27 25.05
C4 NAG P . 12.79 -23.91 25.31
C5 NAG P . 12.52 -24.01 26.81
C6 NAG P . 11.11 -23.69 27.21
C7 NAG P . 16.41 -27.04 24.65
C8 NAG P . 15.57 -27.58 23.54
N2 NAG P . 15.92 -25.99 25.32
O1 NAG P . 14.18 -27.16 27.36
O3 NAG P . 14.51 -24.15 23.67
O4 NAG P . 12.60 -22.61 24.78
O5 NAG P . 12.76 -25.36 27.23
O6 NAG P . 10.77 -22.33 26.92
O7 NAG P . 17.50 -27.51 24.93
#